data_2R45
#
_entry.id   2R45
#
_cell.length_a   113.744
_cell.length_b   113.908
_cell.length_c   193.069
_cell.angle_alpha   90.000
_cell.angle_beta   90.000
_cell.angle_gamma   90.000
#
_symmetry.space_group_name_H-M   'I 2 2 2'
#
loop_
_entity.id
_entity.type
_entity.pdbx_description
1 polymer 'Aerobic glycerol-3-phosphate dehydrogenase'
2 non-polymer 'octyl beta-D-glucopyranoside'
3 non-polymer 'PHOSPHATE ION'
4 non-polymer 'FLAVIN-ADENINE DINUCLEOTIDE'
5 non-polymer IMIDAZOLE
6 non-polymer 1,2-ETHANEDIOL
7 non-polymer 'N-(TRIS(HYDROXYMETHYL)METHYL)-3-AMINOPROPANESULFONIC ACID'
8 non-polymer '2-PHOSPHOGLYCERIC ACID'
9 water water
#
_entity_poly.entity_id   1
_entity_poly.type   'polypeptide(L)'
_entity_poly.pdbx_seq_one_letter_code
;METKDLIVIGGGINGAGIAADAAGRGLSVLMLEAQDLACATSSASSKLIHGGLRYLEHYEFRLVSEALAEREVLLKMAPH
IAFPMRFRLPHRPHLRPAWMIRIGLFMYDHLGKRTSLPGSTGLRFGANSVLKPEIKRGFEYSDCWVDDARLVLANAQMVV
RKGGEVLTRTRATSARRENGLWIVEAEDIDTGKKYSWQARGLVNATGPWVKQFFDDGMHLPSPYGIRLIKGSHIVVPRVH
TQKQAYILQNEDKRIVFVIPWMDEFSIIGTTDVEYKGDPKAVKIEESEINYLLNVYNTHFKKQLSRDDIVWTYSGVRPLC
DDESDSPQAITRDYTLDIHDENGKAPLLSVFGGKLTTYRKLAEHALEKLTPYYQGIGPAWTKESVLPGGAIEGDRDDYAA
RLRRRYPFLTESLARHYARTYGSNSELLLGNAGTVSDLGEDFGHEFYEAELKYLVDHEWVRRADDALWRRTKQGMWLNAD
QQSRVSQWLVEYTQQRLSLAS
;
_entity_poly.pdbx_strand_id   A,B
#
loop_
_chem_comp.id
_chem_comp.type
_chem_comp.name
_chem_comp.formula
2PG non-polymer '2-PHOSPHOGLYCERIC ACID' 'C3 H7 O7 P'
BOG D-saccharide 'octyl beta-D-glucopyranoside' 'C14 H28 O6'
EDO non-polymer 1,2-ETHANEDIOL 'C2 H6 O2'
FAD non-polymer 'FLAVIN-ADENINE DINUCLEOTIDE' 'C27 H33 N9 O15 P2'
IMD non-polymer IMIDAZOLE 'C3 H5 N2 1'
PO4 non-polymer 'PHOSPHATE ION' 'O4 P -3'
T3A non-polymer 'N-(TRIS(HYDROXYMETHYL)METHYL)-3-AMINOPROPANESULFONIC ACID' 'C7 H17 N O6 S'
#
# COMPACT_ATOMS: atom_id res chain seq x y z
N MET A 1 -17.59 -13.47 -25.56
CA MET A 1 -16.34 -13.44 -24.73
C MET A 1 -16.51 -12.51 -23.50
N GLU A 2 -17.24 -12.90 -22.44
CA GLU A 2 -17.62 -14.29 -21.99
C GLU A 2 -16.62 -15.49 -22.02
N THR A 3 -15.89 -15.68 -23.11
CA THR A 3 -14.85 -16.71 -23.12
C THR A 3 -13.54 -16.30 -22.42
N LYS A 4 -13.28 -16.96 -21.27
CA LYS A 4 -12.17 -16.64 -20.40
C LYS A 4 -11.00 -17.23 -21.02
N ASP A 5 -9.83 -16.70 -20.74
CA ASP A 5 -8.65 -17.37 -21.27
C ASP A 5 -8.48 -18.73 -20.57
N LEU A 6 -8.75 -18.75 -19.25
CA LEU A 6 -8.33 -19.84 -18.36
C LEU A 6 -9.36 -20.02 -17.24
N ILE A 7 -9.88 -21.25 -17.09
CA ILE A 7 -10.53 -21.63 -15.89
C ILE A 7 -9.67 -22.53 -14.96
N VAL A 8 -9.55 -22.06 -13.70
CA VAL A 8 -8.86 -22.82 -12.64
C VAL A 8 -9.90 -23.47 -11.73
N ILE A 9 -9.88 -24.80 -11.70
CA ILE A 9 -10.81 -25.52 -10.85
C ILE A 9 -9.97 -25.91 -9.64
N GLY A 10 -10.29 -25.38 -8.47
CA GLY A 10 -9.40 -25.53 -7.33
C GLY A 10 -9.00 -24.23 -6.65
N GLY A 11 -9.44 -24.03 -5.43
CA GLY A 11 -8.88 -22.91 -4.61
C GLY A 11 -8.20 -23.27 -3.28
N GLY A 12 -7.37 -24.29 -3.30
CA GLY A 12 -6.27 -24.40 -2.38
C GLY A 12 -5.12 -23.62 -2.91
N ILE A 13 -3.93 -23.84 -2.38
CA ILE A 13 -2.73 -23.00 -2.70
C ILE A 13 -2.30 -23.12 -4.18
N ASN A 14 -2.44 -24.31 -4.75
CA ASN A 14 -1.97 -24.50 -6.15
C ASN A 14 -2.93 -23.88 -7.17
N GLY A 15 -4.23 -24.03 -6.97
CA GLY A 15 -5.18 -23.36 -7.82
C GLY A 15 -5.06 -21.83 -7.71
N ALA A 16 -5.09 -21.29 -6.48
CA ALA A 16 -4.99 -19.81 -6.25
C ALA A 16 -3.73 -19.23 -6.78
N GLY A 17 -2.62 -19.97 -6.65
CA GLY A 17 -1.33 -19.52 -7.03
C GLY A 17 -1.22 -19.56 -8.55
N ILE A 18 -1.80 -20.59 -9.16
CA ILE A 18 -1.85 -20.58 -10.64
C ILE A 18 -2.70 -19.47 -11.17
N ALA A 19 -3.89 -19.32 -10.62
CA ALA A 19 -4.81 -18.29 -11.10
C ALA A 19 -4.15 -16.86 -10.92
N ALA A 20 -3.50 -16.60 -9.78
CA ALA A 20 -2.81 -15.32 -9.51
C ALA A 20 -1.75 -15.00 -10.57
N ASP A 21 -0.92 -15.99 -10.90
CA ASP A 21 0.12 -15.84 -11.85
C ASP A 21 -0.54 -15.55 -13.22
N ALA A 22 -1.49 -16.38 -13.64
CA ALA A 22 -2.15 -16.17 -14.94
C ALA A 22 -2.74 -14.76 -15.07
N ALA A 23 -3.51 -14.30 -14.05
CA ALA A 23 -4.15 -12.97 -14.08
C ALA A 23 -3.12 -11.85 -14.29
N GLY A 24 -1.93 -12.01 -13.69
CA GLY A 24 -0.82 -11.06 -13.79
C GLY A 24 0.06 -11.19 -15.03
N ARG A 25 -0.31 -12.06 -15.97
CA ARG A 25 0.33 -12.13 -17.29
C ARG A 25 -0.69 -11.76 -18.33
N GLY A 26 -1.77 -11.10 -17.92
CA GLY A 26 -2.81 -10.65 -18.83
C GLY A 26 -4.01 -11.56 -19.16
N LEU A 27 -4.07 -12.81 -18.65
CA LEU A 27 -5.24 -13.67 -18.94
C LEU A 27 -6.49 -13.31 -18.18
N SER A 28 -7.64 -13.43 -18.83
CA SER A 28 -8.90 -13.42 -18.08
C SER A 28 -9.07 -14.75 -17.29
N VAL A 29 -9.06 -14.65 -15.97
CA VAL A 29 -9.13 -15.84 -15.14
C VAL A 29 -10.31 -15.93 -14.20
N LEU A 30 -10.93 -17.11 -14.24
CA LEU A 30 -11.90 -17.56 -13.27
C LEU A 30 -11.33 -18.80 -12.52
N MET A 31 -11.24 -18.67 -11.19
CA MET A 31 -10.86 -19.70 -10.29
C MET A 31 -12.14 -20.10 -9.62
N LEU A 32 -12.42 -21.41 -9.63
CA LEU A 32 -13.65 -21.94 -9.07
C LEU A 32 -13.25 -22.76 -7.82
N GLU A 33 -13.91 -22.53 -6.67
CA GLU A 33 -13.69 -23.31 -5.43
C GLU A 33 -14.99 -23.91 -4.88
N ALA A 34 -15.06 -25.25 -4.73
CA ALA A 34 -16.30 -25.92 -4.49
C ALA A 34 -16.89 -25.48 -3.20
N GLN A 35 -16.04 -25.22 -2.21
CA GLN A 35 -16.51 -24.90 -0.86
C GLN A 35 -15.91 -23.55 -0.30
N ASP A 36 -14.84 -23.54 0.47
CA ASP A 36 -14.26 -22.31 0.93
C ASP A 36 -12.83 -22.38 0.50
N LEU A 37 -12.19 -21.23 0.34
CA LEU A 37 -10.75 -21.19 0.08
C LEU A 37 -9.93 -21.96 1.13
N ALA A 38 -8.97 -22.74 0.67
CA ALA A 38 -8.20 -23.57 1.60
C ALA A 38 -8.99 -24.53 2.51
N CYS A 39 -10.22 -24.94 2.14
CA CYS A 39 -10.96 -25.77 3.03
C CYS A 39 -10.45 -27.18 3.18
N ALA A 40 -9.53 -27.60 2.28
CA ALA A 40 -8.96 -28.99 2.34
C ALA A 40 -7.50 -28.95 2.66
N THR A 41 -6.66 -29.41 1.77
CA THR A 41 -5.29 -29.76 2.21
C THR A 41 -4.52 -28.55 2.68
N SER A 42 -4.85 -27.38 2.12
CA SER A 42 -4.03 -26.19 2.30
C SER A 42 -4.29 -25.51 3.61
N SER A 43 -5.24 -25.99 4.37
CA SER A 43 -5.39 -25.53 5.71
C SER A 43 -5.05 -26.65 6.73
N ALA A 44 -4.50 -27.80 6.27
CA ALA A 44 -4.32 -28.91 7.15
C ALA A 44 -2.80 -29.28 7.22
N SER A 45 -1.95 -28.35 6.80
CA SER A 45 -0.53 -28.52 6.79
C SER A 45 0.15 -28.29 8.17
N SER A 46 1.46 -28.52 8.22
CA SER A 46 2.26 -28.25 9.39
C SER A 46 2.61 -26.77 9.44
N LYS A 47 2.22 -26.02 8.40
CA LYS A 47 2.39 -24.54 8.38
C LYS A 47 3.86 -24.06 8.27
N LEU A 48 4.66 -24.77 7.46
CA LEU A 48 6.08 -24.53 7.39
C LEU A 48 6.42 -24.26 5.99
N ILE A 49 7.30 -23.29 5.81
CA ILE A 49 7.93 -23.13 4.50
C ILE A 49 9.25 -23.70 4.78
N HIS A 50 9.45 -24.93 4.34
CA HIS A 50 10.69 -25.57 4.69
C HIS A 50 11.38 -26.11 3.46
N GLY A 51 12.69 -26.37 3.53
CA GLY A 51 13.37 -27.11 2.44
C GLY A 51 13.05 -28.61 2.43
N GLY A 52 12.81 -29.25 3.58
CA GLY A 52 12.45 -30.67 3.62
C GLY A 52 13.69 -31.44 3.98
N LEU A 53 14.15 -31.22 5.20
CA LEU A 53 15.38 -31.79 5.66
C LEU A 53 15.37 -33.31 5.49
N ARG A 54 14.25 -33.94 5.86
CA ARG A 54 14.13 -35.43 5.81
C ARG A 54 14.20 -36.05 4.40
N TYR A 55 13.89 -35.22 3.39
CA TYR A 55 13.93 -35.62 2.02
C TYR A 55 15.34 -35.75 1.45
N LEU A 56 16.34 -35.16 2.10
CA LEU A 56 17.76 -35.39 1.73
C LEU A 56 18.21 -36.89 1.79
N GLU A 57 17.80 -37.61 2.83
CA GLU A 57 17.93 -39.06 2.94
C GLU A 57 17.52 -39.81 1.71
N HIS A 58 16.47 -39.34 1.02
CA HIS A 58 15.89 -39.99 -0.16
C HIS A 58 16.38 -39.31 -1.45
N TYR A 59 17.42 -38.48 -1.30
CA TYR A 59 18.21 -37.89 -2.40
C TYR A 59 17.40 -36.95 -3.30
N GLU A 60 16.40 -36.29 -2.71
CA GLU A 60 15.44 -35.39 -3.42
C GLU A 60 16.00 -33.92 -3.55
N PHE A 61 17.10 -33.76 -4.29
CA PHE A 61 17.85 -32.51 -4.31
C PHE A 61 17.15 -31.42 -5.13
N ARG A 62 16.43 -31.82 -6.17
CA ARG A 62 15.64 -30.89 -6.99
C ARG A 62 14.59 -30.21 -6.16
N LEU A 63 13.81 -31.01 -5.44
CA LEU A 63 12.79 -30.44 -4.54
C LEU A 63 13.43 -29.62 -3.40
N VAL A 64 14.36 -30.23 -2.66
CA VAL A 64 14.95 -29.62 -1.46
C VAL A 64 15.64 -28.25 -1.81
N SER A 65 16.47 -28.23 -2.85
CA SER A 65 17.03 -26.97 -3.33
C SER A 65 15.97 -25.97 -3.82
N GLU A 66 15.02 -26.39 -4.64
CA GLU A 66 13.97 -25.42 -5.01
C GLU A 66 13.24 -24.83 -3.76
N ALA A 67 12.86 -25.71 -2.81
CA ALA A 67 12.11 -25.30 -1.61
C ALA A 67 12.91 -24.41 -0.66
N LEU A 68 14.20 -24.71 -0.51
CA LEU A 68 15.15 -23.82 0.23
C LEU A 68 15.21 -22.42 -0.38
N ALA A 69 15.39 -22.30 -1.69
CA ALA A 69 15.44 -20.95 -2.37
C ALA A 69 14.12 -20.14 -2.22
N GLU A 70 13.00 -20.89 -2.22
CA GLU A 70 11.68 -20.30 -2.08
C GLU A 70 11.40 -19.73 -0.70
N ARG A 71 12.02 -20.27 0.36
CA ARG A 71 11.78 -19.74 1.72
C ARG A 71 11.98 -18.22 1.71
N GLU A 72 13.12 -17.76 1.20
CA GLU A 72 13.33 -16.31 1.10
C GLU A 72 12.44 -15.50 0.11
N VAL A 73 12.13 -16.01 -1.10
CA VAL A 73 11.14 -15.37 -1.93
C VAL A 73 9.79 -15.21 -1.17
N LEU A 74 9.35 -16.24 -0.45
CA LEU A 74 8.05 -16.21 0.29
C LEU A 74 8.04 -15.29 1.48
N LEU A 75 9.13 -15.29 2.26
CA LEU A 75 9.33 -14.24 3.33
C LEU A 75 9.11 -12.80 2.87
N LYS A 76 9.47 -12.45 1.63
CA LYS A 76 9.25 -11.05 1.15
C LYS A 76 7.88 -10.85 0.52
N MET A 77 7.32 -11.89 -0.11
CA MET A 77 5.99 -11.81 -0.69
C MET A 77 4.95 -11.58 0.37
N ALA A 78 5.14 -12.21 1.56
CA ALA A 78 4.12 -12.22 2.62
C ALA A 78 4.64 -12.06 4.06
N PRO A 79 5.36 -10.95 4.36
CA PRO A 79 5.98 -10.85 5.71
C PRO A 79 4.95 -10.67 6.83
N HIS A 80 3.72 -10.37 6.44
CA HIS A 80 2.64 -10.33 7.44
C HIS A 80 2.23 -11.72 7.96
N ILE A 81 2.34 -12.77 7.14
CA ILE A 81 1.88 -14.11 7.58
C ILE A 81 2.99 -15.19 7.69
N ALA A 82 4.22 -14.81 7.31
CA ALA A 82 5.35 -15.73 7.17
C ALA A 82 6.52 -15.14 7.97
N PHE A 83 7.31 -15.96 8.64
CA PHE A 83 8.43 -15.43 9.41
C PHE A 83 9.50 -16.53 9.67
N PRO A 84 10.78 -16.13 9.85
CA PRO A 84 11.79 -17.16 10.21
C PRO A 84 11.50 -17.85 11.56
N MET A 85 11.85 -19.11 11.62
CA MET A 85 11.76 -19.89 12.84
C MET A 85 13.02 -20.75 13.00
N ARG A 86 13.39 -21.07 14.22
CA ARG A 86 14.56 -21.95 14.45
C ARG A 86 14.09 -23.35 14.87
N PHE A 87 14.72 -24.38 14.33
CA PHE A 87 14.33 -25.76 14.62
C PHE A 87 15.44 -26.47 15.39
N ARG A 88 15.10 -26.94 16.59
CA ARG A 88 15.99 -27.77 17.35
C ARG A 88 15.83 -29.28 17.11
N LEU A 89 16.89 -29.92 16.59
CA LEU A 89 17.04 -31.36 16.36
C LEU A 89 17.81 -32.13 17.48
N PRO A 90 17.10 -32.78 18.44
CA PRO A 90 17.78 -33.59 19.43
C PRO A 90 18.55 -34.76 18.82
N HIS A 91 19.80 -34.95 19.25
CA HIS A 91 20.69 -36.03 18.77
C HIS A 91 20.32 -37.35 19.35
N ARG A 92 20.09 -38.31 18.43
CA ARG A 92 19.70 -39.69 18.79
C ARG A 92 20.65 -40.56 17.97
N PRO A 93 21.92 -40.78 18.48
CA PRO A 93 23.00 -41.46 17.71
C PRO A 93 22.61 -42.89 17.23
N HIS A 94 21.75 -43.58 18.00
CA HIS A 94 21.22 -44.88 17.60
C HIS A 94 20.35 -44.88 16.34
N LEU A 95 19.99 -43.67 15.89
CA LEU A 95 19.10 -43.51 14.75
C LEU A 95 19.86 -42.94 13.57
N ARG A 96 20.55 -41.83 13.83
CA ARG A 96 21.33 -41.16 12.82
C ARG A 96 22.62 -40.60 13.44
N PRO A 97 23.78 -41.03 12.90
CA PRO A 97 25.04 -40.62 13.50
C PRO A 97 25.29 -39.13 13.28
N ALA A 98 26.02 -38.50 14.20
CA ALA A 98 26.26 -37.03 14.11
C ALA A 98 26.79 -36.60 12.78
N TRP A 99 27.71 -37.39 12.22
CA TRP A 99 28.41 -37.07 10.95
C TRP A 99 27.45 -37.02 9.82
N MET A 100 26.36 -37.75 9.95
CA MET A 100 25.27 -37.71 8.96
C MET A 100 24.38 -36.44 9.04
N ILE A 101 24.01 -36.06 10.26
CA ILE A 101 23.29 -34.81 10.50
C ILE A 101 24.07 -33.61 9.90
N ARG A 102 25.38 -33.59 10.17
CA ARG A 102 26.22 -32.47 9.80
C ARG A 102 26.34 -32.32 8.29
N ILE A 103 26.37 -33.43 7.56
CA ILE A 103 26.37 -33.40 6.09
C ILE A 103 25.05 -32.83 5.54
N GLY A 104 23.91 -33.29 6.12
CA GLY A 104 22.58 -32.83 5.68
C GLY A 104 22.34 -31.34 5.97
N LEU A 105 22.66 -30.95 7.20
CA LEU A 105 22.63 -29.52 7.63
C LEU A 105 23.57 -28.62 6.79
N PHE A 106 24.70 -29.18 6.36
CA PHE A 106 25.59 -28.46 5.41
C PHE A 106 24.87 -28.26 4.09
N MET A 107 24.30 -29.33 3.54
CA MET A 107 23.49 -29.22 2.30
C MET A 107 22.31 -28.25 2.37
N TYR A 108 21.67 -28.20 3.55
CA TYR A 108 20.48 -27.39 3.82
C TYR A 108 20.88 -25.91 3.76
N ASP A 109 22.07 -25.65 4.31
CA ASP A 109 22.71 -24.34 4.23
C ASP A 109 23.06 -23.84 2.84
N HIS A 110 23.41 -24.73 1.89
CA HIS A 110 24.05 -24.30 0.63
C HIS A 110 23.36 -24.75 -0.69
N LEU A 111 22.46 -25.72 -0.61
CA LEU A 111 21.68 -26.14 -1.78
C LEU A 111 20.74 -25.07 -2.42
N GLY A 112 20.29 -24.10 -1.62
CA GLY A 112 19.58 -22.93 -2.14
C GLY A 112 20.22 -21.60 -1.72
N LYS A 113 19.84 -20.55 -2.44
CA LYS A 113 20.32 -19.20 -2.12
C LYS A 113 19.76 -18.69 -0.77
N ARG A 114 20.67 -18.37 0.14
CA ARG A 114 20.30 -18.09 1.53
C ARG A 114 20.98 -16.86 2.07
N THR A 115 20.35 -15.71 1.90
CA THR A 115 20.80 -14.47 2.52
C THR A 115 20.37 -14.47 3.97
N SER A 116 19.13 -14.02 4.19
CA SER A 116 18.61 -13.63 5.50
C SER A 116 18.71 -14.70 6.53
N LEU A 117 18.46 -15.94 6.13
CA LEU A 117 18.33 -17.01 7.10
C LEU A 117 19.67 -17.41 7.68
N PRO A 118 19.77 -17.44 9.00
CA PRO A 118 20.98 -17.96 9.63
C PRO A 118 21.28 -19.47 9.33
N GLY A 119 22.55 -19.84 9.53
CA GLY A 119 23.00 -21.21 9.36
C GLY A 119 22.87 -22.01 10.65
N SER A 120 23.22 -23.27 10.53
CA SER A 120 22.94 -24.22 11.57
C SER A 120 24.05 -24.12 12.57
N THR A 121 23.82 -24.71 13.75
CA THR A 121 24.80 -24.69 14.82
C THR A 121 24.65 -25.99 15.66
N GLY A 122 25.60 -26.26 16.55
CA GLY A 122 25.49 -27.40 17.46
C GLY A 122 24.87 -26.89 18.72
N LEU A 123 24.37 -27.77 19.57
CA LEU A 123 23.66 -27.39 20.80
C LEU A 123 23.97 -28.37 21.91
N ARG A 124 23.92 -27.89 23.15
CA ARG A 124 24.02 -28.79 24.27
C ARG A 124 22.80 -28.61 25.17
N PHE A 125 22.45 -29.68 25.86
CA PHE A 125 21.27 -29.73 26.65
C PHE A 125 21.75 -30.15 28.01
N GLY A 126 21.39 -29.32 29.01
CA GLY A 126 21.81 -29.46 30.39
C GLY A 126 20.74 -30.08 31.23
N ALA A 127 20.94 -30.08 32.54
CA ALA A 127 19.99 -30.68 33.49
C ALA A 127 18.73 -29.86 33.60
N ASN A 128 18.77 -28.67 33.03
CA ASN A 128 17.74 -27.70 33.14
C ASN A 128 17.03 -27.47 31.81
N SER A 129 17.30 -28.27 30.79
CA SER A 129 16.59 -28.09 29.53
C SER A 129 15.14 -28.63 29.65
N VAL A 130 14.39 -28.48 28.56
CA VAL A 130 13.02 -29.00 28.45
C VAL A 130 13.05 -30.48 28.11
N LEU A 131 14.18 -30.93 27.52
CA LEU A 131 14.30 -32.31 27.09
C LEU A 131 14.74 -33.19 28.23
N LYS A 132 14.49 -34.49 28.12
CA LYS A 132 15.02 -35.48 29.06
C LYS A 132 16.55 -35.43 29.27
N PRO A 133 17.00 -35.68 30.52
CA PRO A 133 18.37 -35.74 31.05
C PRO A 133 19.35 -36.45 30.10
N GLU A 134 18.94 -37.64 29.60
CA GLU A 134 19.74 -38.51 28.76
C GLU A 134 19.96 -37.94 27.38
N ILE A 135 19.23 -36.90 27.00
CA ILE A 135 19.46 -36.30 25.70
C ILE A 135 20.37 -35.11 25.91
N LYS A 136 21.59 -35.16 25.40
CA LYS A 136 22.67 -34.25 25.80
C LYS A 136 23.10 -33.33 24.70
N ARG A 137 22.95 -33.76 23.46
CA ARG A 137 23.35 -32.97 22.29
C ARG A 137 22.17 -32.70 21.33
N GLY A 138 22.34 -31.70 20.46
CA GLY A 138 21.41 -31.48 19.39
C GLY A 138 21.99 -30.57 18.34
N PHE A 139 21.11 -30.02 17.50
CA PHE A 139 21.44 -29.12 16.41
C PHE A 139 20.32 -28.12 16.24
N GLU A 140 20.60 -26.98 15.60
CA GLU A 140 19.61 -25.95 15.41
C GLU A 140 19.80 -25.34 14.04
N TYR A 141 18.71 -25.10 13.30
CA TYR A 141 18.76 -24.57 11.93
C TYR A 141 17.53 -23.73 11.59
N SER A 142 17.50 -23.21 10.38
CA SER A 142 16.43 -22.35 9.96
C SER A 142 15.42 -22.95 8.97
N ASP A 143 14.23 -22.39 9.02
CA ASP A 143 13.11 -22.71 8.18
C ASP A 143 12.04 -21.60 8.52
N CYS A 144 10.88 -21.65 7.88
CA CYS A 144 9.91 -20.58 8.06
C CYS A 144 8.49 -21.05 8.36
N TRP A 145 7.80 -20.31 9.22
CA TRP A 145 6.41 -20.59 9.51
C TRP A 145 5.57 -19.74 8.58
N VAL A 146 4.49 -20.31 8.05
CA VAL A 146 3.48 -19.50 7.31
C VAL A 146 2.06 -19.84 7.73
N ASP A 147 1.20 -18.82 7.71
CA ASP A 147 -0.21 -18.98 7.89
C ASP A 147 -0.85 -19.54 6.60
N ASP A 148 -0.77 -20.87 6.46
CA ASP A 148 -1.23 -21.56 5.26
C ASP A 148 -2.50 -20.97 4.63
N ALA A 149 -3.60 -21.02 5.37
CA ALA A 149 -4.87 -20.66 4.85
C ALA A 149 -4.89 -19.17 4.42
N ARG A 150 -4.05 -18.38 5.03
CA ARG A 150 -4.01 -16.92 4.70
C ARG A 150 -3.14 -16.68 3.50
N LEU A 151 -2.28 -17.65 3.19
CA LEU A 151 -1.44 -17.57 2.00
C LEU A 151 -2.28 -17.84 0.80
N VAL A 152 -3.27 -18.72 0.98
CA VAL A 152 -4.18 -19.06 -0.06
C VAL A 152 -5.09 -17.80 -0.38
N LEU A 153 -5.71 -17.28 0.67
CA LEU A 153 -6.50 -16.04 0.70
C LEU A 153 -5.77 -14.88 -0.01
N ALA A 154 -4.52 -14.59 0.41
CA ALA A 154 -3.66 -13.56 -0.24
C ALA A 154 -3.59 -13.72 -1.78
N ASN A 155 -3.49 -14.96 -2.22
CA ASN A 155 -3.38 -15.28 -3.66
C ASN A 155 -4.69 -15.07 -4.39
N ALA A 156 -5.83 -15.44 -3.78
CA ALA A 156 -7.16 -15.17 -4.32
C ALA A 156 -7.43 -13.69 -4.56
N GLN A 157 -6.98 -12.87 -3.61
CA GLN A 157 -7.03 -11.44 -3.64
C GLN A 157 -6.10 -10.91 -4.71
N MET A 158 -4.95 -11.53 -4.91
CA MET A 158 -4.13 -11.23 -6.04
C MET A 158 -4.88 -11.43 -7.38
N VAL A 159 -5.44 -12.64 -7.64
CA VAL A 159 -6.39 -12.83 -8.75
C VAL A 159 -7.33 -11.63 -9.05
N VAL A 160 -8.25 -11.34 -8.12
CA VAL A 160 -9.19 -10.21 -8.17
C VAL A 160 -8.53 -8.81 -8.39
N ARG A 161 -7.44 -8.55 -7.67
CA ARG A 161 -6.67 -7.31 -7.79
C ARG A 161 -6.38 -7.19 -9.29
N LYS A 162 -5.71 -8.20 -9.85
CA LYS A 162 -5.31 -8.25 -11.26
C LYS A 162 -6.43 -8.51 -12.27
N GLY A 163 -7.70 -8.39 -11.91
CA GLY A 163 -8.78 -8.44 -12.86
C GLY A 163 -9.50 -9.78 -12.98
N GLY A 164 -9.02 -10.82 -12.30
CA GLY A 164 -9.63 -12.16 -12.40
C GLY A 164 -10.86 -12.26 -11.53
N GLU A 165 -11.59 -13.37 -11.63
CA GLU A 165 -12.74 -13.57 -10.76
C GLU A 165 -12.51 -14.86 -9.98
N VAL A 166 -13.16 -14.94 -8.83
CA VAL A 166 -12.98 -16.01 -7.89
C VAL A 166 -14.40 -16.26 -7.38
N LEU A 167 -14.89 -17.46 -7.63
CA LEU A 167 -16.20 -17.89 -7.08
C LEU A 167 -15.93 -18.96 -6.05
N THR A 168 -16.45 -18.82 -4.83
CA THR A 168 -16.45 -19.92 -3.90
C THR A 168 -17.87 -20.52 -3.75
N ARG A 169 -17.98 -21.60 -2.98
CA ARG A 169 -19.27 -22.30 -2.88
C ARG A 169 -19.85 -22.75 -4.25
N THR A 170 -18.95 -22.93 -5.23
CA THR A 170 -19.25 -23.18 -6.63
C THR A 170 -18.40 -24.37 -7.09
N ARG A 171 -19.05 -25.53 -7.18
CA ARG A 171 -18.50 -26.81 -7.59
C ARG A 171 -18.60 -27.07 -9.10
N ALA A 172 -17.47 -27.20 -9.76
CA ALA A 172 -17.43 -27.55 -11.16
C ALA A 172 -17.92 -29.00 -11.20
N THR A 173 -18.90 -29.23 -12.09
CA THR A 173 -19.54 -30.53 -12.19
C THR A 173 -19.07 -31.28 -13.44
N SER A 174 -18.74 -30.55 -14.49
CA SER A 174 -18.21 -31.14 -15.71
C SER A 174 -17.35 -30.16 -16.52
N ALA A 175 -16.44 -30.71 -17.34
CA ALA A 175 -15.65 -29.92 -18.29
C ALA A 175 -15.45 -30.80 -19.50
N ARG A 176 -15.75 -30.24 -20.68
CA ARG A 176 -15.57 -30.98 -21.98
C ARG A 176 -15.10 -30.06 -23.11
N ARG A 177 -14.19 -30.55 -23.98
CA ARG A 177 -13.84 -29.82 -25.20
C ARG A 177 -14.99 -29.84 -26.23
N GLU A 178 -15.34 -28.66 -26.76
CA GLU A 178 -16.21 -28.57 -27.95
C GLU A 178 -15.73 -27.48 -28.87
N ASN A 179 -15.56 -27.82 -30.14
CA ASN A 179 -15.29 -26.80 -31.16
C ASN A 179 -14.05 -25.97 -30.81
N GLY A 180 -13.02 -26.58 -30.21
CA GLY A 180 -11.79 -25.83 -29.84
C GLY A 180 -11.69 -25.11 -28.48
N LEU A 181 -12.79 -25.16 -27.72
CA LEU A 181 -12.98 -24.49 -26.44
C LEU A 181 -13.42 -25.50 -25.33
N TRP A 182 -13.13 -25.14 -24.06
CA TRP A 182 -13.73 -25.84 -22.92
C TRP A 182 -15.10 -25.27 -22.65
N ILE A 183 -16.01 -26.16 -22.27
CA ILE A 183 -17.27 -25.81 -21.72
C ILE A 183 -17.30 -26.32 -20.24
N VAL A 184 -17.24 -25.35 -19.33
CA VAL A 184 -17.14 -25.71 -17.92
C VAL A 184 -18.47 -25.50 -17.27
N GLU A 185 -18.98 -26.55 -16.63
CA GLU A 185 -20.19 -26.46 -15.87
C GLU A 185 -19.97 -26.59 -14.36
N ALA A 186 -20.62 -25.70 -13.62
CA ALA A 186 -20.39 -25.54 -12.21
C ALA A 186 -21.71 -25.29 -11.59
N GLU A 187 -21.73 -25.39 -10.29
CA GLU A 187 -22.98 -25.17 -9.63
C GLU A 187 -22.83 -24.76 -8.15
N ASP A 188 -23.67 -23.80 -7.80
CA ASP A 188 -23.65 -23.20 -6.52
C ASP A 188 -24.15 -24.26 -5.56
N ILE A 189 -23.30 -24.57 -4.55
CA ILE A 189 -23.59 -25.68 -3.63
C ILE A 189 -24.77 -25.40 -2.72
N ASP A 190 -25.19 -24.14 -2.61
CA ASP A 190 -26.29 -23.81 -1.68
C ASP A 190 -27.63 -23.64 -2.43
N THR A 191 -27.66 -22.67 -3.34
CA THR A 191 -28.82 -22.39 -4.16
C THR A 191 -29.05 -23.52 -5.20
N GLY A 192 -28.21 -23.62 -6.20
CA GLY A 192 -28.27 -24.76 -7.10
C GLY A 192 -28.15 -24.09 -8.46
N LYS A 193 -27.90 -22.78 -8.41
CA LYS A 193 -27.63 -21.99 -9.59
C LYS A 193 -26.53 -22.63 -10.43
N LYS A 194 -26.88 -22.96 -11.68
CA LYS A 194 -26.03 -23.63 -12.62
C LYS A 194 -25.34 -22.54 -13.36
N TYR A 195 -24.10 -22.79 -13.78
CA TYR A 195 -23.35 -21.88 -14.61
C TYR A 195 -22.72 -22.67 -15.72
N SER A 196 -22.29 -21.94 -16.75
CA SER A 196 -21.57 -22.52 -17.85
C SER A 196 -20.74 -21.45 -18.47
N TRP A 197 -19.47 -21.76 -18.74
CA TRP A 197 -18.48 -20.85 -19.30
C TRP A 197 -17.71 -21.53 -20.44
N GLN A 198 -17.17 -20.73 -21.33
CA GLN A 198 -16.26 -21.29 -22.28
C GLN A 198 -14.91 -20.77 -21.80
N ALA A 199 -13.85 -21.56 -21.94
CA ALA A 199 -12.53 -21.00 -21.81
C ALA A 199 -11.58 -21.60 -22.84
N ARG A 200 -10.41 -21.00 -22.98
CA ARG A 200 -9.36 -21.49 -23.88
C ARG A 200 -8.47 -22.48 -23.17
N GLY A 201 -8.65 -22.61 -21.86
CA GLY A 201 -7.66 -23.30 -21.04
C GLY A 201 -8.32 -23.74 -19.76
N LEU A 202 -7.86 -24.88 -19.24
CA LEU A 202 -8.46 -25.49 -18.07
C LEU A 202 -7.29 -25.93 -17.24
N VAL A 203 -7.24 -25.49 -15.97
CA VAL A 203 -6.34 -26.09 -14.95
C VAL A 203 -7.14 -27.00 -13.99
N ASN A 204 -6.71 -28.25 -13.83
CA ASN A 204 -7.32 -29.09 -12.81
C ASN A 204 -6.34 -29.13 -11.62
N ALA A 205 -6.56 -28.21 -10.67
CA ALA A 205 -5.81 -28.10 -9.41
C ALA A 205 -6.66 -28.49 -8.16
N THR A 206 -7.38 -29.60 -8.28
CA THR A 206 -8.30 -30.04 -7.23
C THR A 206 -7.67 -30.95 -6.15
N GLY A 207 -6.34 -30.93 -6.00
CA GLY A 207 -5.66 -31.55 -4.89
C GLY A 207 -5.95 -33.06 -4.82
N PRO A 208 -6.47 -33.54 -3.66
CA PRO A 208 -6.83 -34.96 -3.59
C PRO A 208 -7.92 -35.43 -4.55
N TRP A 209 -8.65 -34.48 -5.15
CA TRP A 209 -9.71 -34.79 -6.01
C TRP A 209 -9.24 -34.80 -7.46
N VAL A 210 -7.95 -34.55 -7.72
CA VAL A 210 -7.45 -34.36 -9.13
C VAL A 210 -7.81 -35.54 -10.11
N LYS A 211 -7.70 -36.78 -9.63
CA LYS A 211 -7.98 -37.91 -10.49
C LYS A 211 -9.48 -38.19 -10.53
N GLN A 212 -10.17 -38.06 -9.41
CA GLN A 212 -11.61 -38.15 -9.51
C GLN A 212 -12.29 -37.05 -10.35
N PHE A 213 -11.67 -35.87 -10.51
CA PHE A 213 -12.18 -34.90 -11.49
C PHE A 213 -11.94 -35.42 -12.94
N PHE A 214 -10.77 -36.05 -13.25
CA PHE A 214 -10.62 -36.76 -14.55
C PHE A 214 -11.75 -37.79 -14.77
N ASP A 215 -11.93 -38.69 -13.82
CA ASP A 215 -12.95 -39.75 -13.92
C ASP A 215 -14.37 -39.19 -14.01
N ASP A 216 -14.79 -38.31 -13.09
CA ASP A 216 -16.24 -37.96 -13.00
C ASP A 216 -16.56 -36.62 -13.68
N GLY A 217 -15.58 -35.72 -13.73
CA GLY A 217 -15.87 -34.39 -14.22
C GLY A 217 -15.58 -34.31 -15.73
N MET A 218 -14.55 -35.02 -16.18
CA MET A 218 -14.13 -34.95 -17.57
C MET A 218 -14.27 -36.25 -18.38
N HIS A 219 -14.58 -37.39 -17.74
CA HIS A 219 -14.48 -38.66 -18.45
C HIS A 219 -13.19 -38.78 -19.29
N LEU A 220 -12.06 -38.31 -18.77
CA LEU A 220 -10.79 -38.44 -19.48
C LEU A 220 -9.88 -39.29 -18.62
N PRO A 221 -8.88 -39.99 -19.23
CA PRO A 221 -7.86 -40.70 -18.40
C PRO A 221 -6.86 -39.77 -17.72
N SER A 222 -6.68 -39.98 -16.41
CA SER A 222 -5.69 -39.22 -15.60
C SER A 222 -4.27 -39.64 -15.93
N PRO A 223 -3.39 -38.68 -16.18
CA PRO A 223 -2.02 -39.08 -16.45
C PRO A 223 -1.30 -39.77 -15.26
N TYR A 224 -1.74 -39.53 -14.00
CA TYR A 224 -1.09 -40.14 -12.85
C TYR A 224 -2.10 -40.69 -11.88
N GLY A 225 -1.74 -41.72 -11.12
CA GLY A 225 -2.40 -42.05 -9.88
C GLY A 225 -2.10 -40.97 -8.83
N ILE A 226 -2.98 -40.87 -7.85
CA ILE A 226 -2.64 -40.07 -6.67
C ILE A 226 -2.61 -41.01 -5.42
N ARG A 227 -1.59 -40.95 -4.55
CA ARG A 227 -1.72 -41.64 -3.27
C ARG A 227 -2.17 -40.66 -2.22
N LEU A 228 -3.23 -40.99 -1.48
CA LEU A 228 -3.74 -40.09 -0.41
C LEU A 228 -3.20 -40.48 0.93
N ILE A 229 -2.36 -39.62 1.48
CA ILE A 229 -1.61 -40.01 2.63
C ILE A 229 -2.03 -39.09 3.68
N LYS A 230 -2.84 -39.58 4.61
CA LYS A 230 -3.36 -38.77 5.70
C LYS A 230 -2.22 -38.33 6.64
N GLY A 231 -2.31 -37.08 7.17
CA GLY A 231 -1.59 -36.63 8.40
C GLY A 231 -2.41 -35.75 9.34
N SER A 232 -2.17 -35.88 10.64
CA SER A 232 -2.94 -35.27 11.71
C SER A 232 -1.97 -34.51 12.62
N HIS A 233 -2.47 -33.49 13.29
CA HIS A 233 -1.71 -32.69 14.21
C HIS A 233 -2.58 -32.63 15.43
N ILE A 234 -1.97 -32.54 16.62
CA ILE A 234 -2.69 -32.28 17.85
C ILE A 234 -2.31 -30.92 18.39
N VAL A 235 -3.19 -30.31 19.21
CA VAL A 235 -2.82 -29.04 19.76
C VAL A 235 -2.97 -29.09 21.26
N VAL A 236 -1.91 -28.63 21.95
CA VAL A 236 -1.90 -28.54 23.45
C VAL A 236 -1.57 -27.10 23.91
N PRO A 237 -2.01 -26.69 25.10
CA PRO A 237 -1.44 -25.40 25.59
C PRO A 237 0.10 -25.50 25.46
N ARG A 238 0.83 -24.43 25.26
CA ARG A 238 2.25 -24.64 24.94
C ARG A 238 3.09 -25.43 25.96
N VAL A 239 3.95 -26.28 25.44
CA VAL A 239 4.70 -27.24 26.29
C VAL A 239 5.87 -26.60 27.08
N HIS A 240 6.30 -25.42 26.64
CA HIS A 240 7.40 -24.72 27.20
C HIS A 240 7.22 -23.27 26.68
N THR A 241 8.06 -22.37 27.17
CA THR A 241 8.12 -20.96 26.81
C THR A 241 9.15 -20.53 25.72
N GLN A 242 9.93 -21.49 25.23
CA GLN A 242 10.90 -21.22 24.16
C GLN A 242 10.24 -20.79 22.86
N LYS A 243 10.95 -20.03 22.04
CA LYS A 243 10.50 -19.54 20.77
C LYS A 243 10.80 -20.57 19.67
N GLN A 244 11.63 -21.55 19.99
CA GLN A 244 12.03 -22.43 18.89
C GLN A 244 11.18 -23.70 18.71
N ALA A 245 11.08 -24.15 17.45
CA ALA A 245 10.43 -25.46 17.15
C ALA A 245 11.41 -26.56 17.46
N TYR A 246 10.90 -27.77 17.71
CA TYR A 246 11.78 -28.97 17.89
C TYR A 246 11.42 -29.94 16.78
N ILE A 247 12.41 -30.65 16.26
CA ILE A 247 12.11 -31.64 15.26
C ILE A 247 12.69 -32.91 15.74
N LEU A 248 11.82 -33.88 16.03
CA LEU A 248 12.14 -35.11 16.70
C LEU A 248 12.24 -36.34 15.81
N GLN A 249 13.29 -37.09 16.06
CA GLN A 249 13.58 -38.31 15.35
C GLN A 249 12.90 -39.41 16.04
N ASN A 250 12.01 -40.12 15.34
CA ASN A 250 11.26 -41.22 15.90
C ASN A 250 11.96 -42.52 15.48
N GLU A 251 11.62 -43.63 16.13
CA GLU A 251 12.16 -45.00 15.88
C GLU A 251 11.88 -45.58 14.53
N ASP A 252 10.82 -45.12 13.83
CA ASP A 252 10.44 -45.59 12.52
C ASP A 252 11.15 -44.79 11.49
N LYS A 253 12.07 -43.91 11.92
CA LYS A 253 12.80 -43.00 10.98
C LYS A 253 12.06 -41.77 10.42
N ARG A 254 10.83 -41.53 10.84
CA ARG A 254 10.12 -40.32 10.51
C ARG A 254 10.55 -39.22 11.51
N ILE A 255 10.32 -37.94 11.14
CA ILE A 255 10.51 -36.82 12.08
C ILE A 255 9.12 -36.23 12.53
N VAL A 256 9.05 -35.70 13.76
CA VAL A 256 7.82 -35.12 14.28
C VAL A 256 8.16 -33.71 14.87
N PHE A 257 7.39 -32.70 14.51
CA PHE A 257 7.60 -31.33 15.03
C PHE A 257 6.75 -31.03 16.24
N VAL A 258 7.33 -30.19 17.12
CA VAL A 258 6.68 -29.46 18.24
C VAL A 258 6.91 -27.98 17.86
N ILE A 259 5.83 -27.27 17.56
CA ILE A 259 5.88 -25.96 16.92
C ILE A 259 5.10 -25.08 17.81
N PRO A 260 5.73 -23.93 18.28
CA PRO A 260 5.04 -22.84 19.05
C PRO A 260 3.94 -22.27 18.15
N TRP A 261 2.74 -22.04 18.65
CA TRP A 261 1.67 -21.60 17.83
C TRP A 261 0.92 -20.50 18.58
N MET A 262 0.87 -19.29 18.00
CA MET A 262 0.02 -18.23 18.47
C MET A 262 0.33 -17.82 19.92
N ASP A 263 1.58 -17.98 20.35
CA ASP A 263 2.04 -17.67 21.74
C ASP A 263 1.43 -18.49 22.88
N GLU A 264 0.52 -19.42 22.64
CA GLU A 264 -0.20 -20.05 23.79
C GLU A 264 -0.25 -21.50 23.58
N PHE A 265 0.03 -21.94 22.35
CA PHE A 265 -0.13 -23.37 22.05
C PHE A 265 1.12 -23.96 21.44
N SER A 266 1.18 -25.27 21.50
CA SER A 266 2.14 -25.96 20.66
C SER A 266 1.34 -26.89 19.72
N ILE A 267 1.76 -27.01 18.48
CA ILE A 267 1.23 -28.00 17.49
C ILE A 267 2.21 -29.19 17.48
N ILE A 268 1.71 -30.40 17.56
CA ILE A 268 2.53 -31.60 17.39
C ILE A 268 1.99 -32.34 16.21
N GLY A 269 2.87 -32.56 15.21
CA GLY A 269 2.49 -33.28 14.04
C GLY A 269 3.78 -33.68 13.37
N THR A 270 3.74 -34.58 12.38
CA THR A 270 2.48 -35.22 11.86
C THR A 270 2.69 -36.75 11.63
N THR A 271 1.80 -37.35 10.83
CA THR A 271 1.66 -38.81 10.66
C THR A 271 1.66 -39.11 9.13
N ASP A 272 1.85 -40.35 8.73
CA ASP A 272 1.70 -40.83 7.29
C ASP A 272 0.82 -42.08 7.23
N VAL A 273 -0.46 -41.93 6.94
CA VAL A 273 -1.38 -43.07 7.04
C VAL A 273 -2.03 -43.14 5.69
N GLU A 274 -1.85 -44.27 5.01
CA GLU A 274 -2.43 -44.46 3.71
C GLU A 274 -3.94 -44.28 3.83
N TYR A 275 -4.58 -43.61 2.90
CA TYR A 275 -5.95 -43.29 3.11
C TYR A 275 -6.84 -43.59 1.86
N LYS A 276 -8.04 -44.14 2.06
CA LYS A 276 -9.01 -44.31 0.94
C LYS A 276 -10.32 -43.74 1.41
N GLY A 277 -11.01 -43.03 0.53
CA GLY A 277 -12.30 -42.53 0.96
C GLY A 277 -12.43 -41.10 0.56
N ASP A 278 -13.29 -40.39 1.26
CA ASP A 278 -13.60 -39.02 0.95
C ASP A 278 -12.60 -38.10 1.68
N PRO A 279 -11.80 -37.30 0.93
CA PRO A 279 -10.89 -36.38 1.61
C PRO A 279 -11.54 -35.37 2.60
N LYS A 280 -12.86 -35.18 2.55
CA LYS A 280 -13.55 -34.27 3.49
C LYS A 280 -13.85 -34.96 4.79
N ALA A 281 -14.04 -36.28 4.76
CA ALA A 281 -14.21 -37.11 5.96
C ALA A 281 -12.98 -37.21 6.87
N VAL A 282 -11.79 -36.75 6.45
CA VAL A 282 -10.55 -37.11 7.15
C VAL A 282 -10.50 -36.55 8.58
N LYS A 283 -10.18 -37.42 9.56
CA LYS A 283 -10.00 -37.03 10.95
C LYS A 283 -9.04 -37.89 11.69
N ILE A 284 -8.48 -37.37 12.78
CA ILE A 284 -7.42 -38.06 13.47
C ILE A 284 -7.96 -39.40 14.05
N GLU A 285 -7.16 -40.48 14.03
CA GLU A 285 -7.52 -41.72 14.79
C GLU A 285 -6.69 -41.90 16.11
N GLU A 286 -7.18 -42.81 16.96
CA GLU A 286 -6.59 -43.09 18.27
C GLU A 286 -5.09 -43.32 18.08
N SER A 287 -4.71 -44.14 17.11
CA SER A 287 -3.27 -44.49 17.05
C SER A 287 -2.37 -43.35 16.59
N GLU A 288 -2.93 -42.40 15.86
CA GLU A 288 -2.21 -41.17 15.54
C GLU A 288 -1.92 -40.33 16.81
N ILE A 289 -2.90 -40.14 17.66
CA ILE A 289 -2.73 -39.55 18.95
C ILE A 289 -1.68 -40.25 19.76
N ASN A 290 -1.79 -41.58 19.96
CA ASN A 290 -0.81 -42.39 20.68
C ASN A 290 0.61 -42.24 20.16
N TYR A 291 0.75 -42.24 18.85
CA TYR A 291 2.01 -42.10 18.17
C TYR A 291 2.69 -40.74 18.39
N LEU A 292 1.89 -39.66 18.29
CA LEU A 292 2.40 -38.27 18.48
C LEU A 292 2.70 -37.98 19.95
N LEU A 293 1.83 -38.35 20.85
CA LEU A 293 2.16 -38.23 22.27
C LEU A 293 3.38 -39.01 22.64
N ASN A 294 3.54 -40.18 22.06
CA ASN A 294 4.71 -40.95 22.36
C ASN A 294 6.04 -40.32 22.01
N VAL A 295 6.22 -39.86 20.78
CA VAL A 295 7.50 -39.28 20.37
C VAL A 295 7.83 -37.98 21.17
N TYR A 296 6.77 -37.14 21.36
CA TYR A 296 6.87 -36.04 22.34
C TYR A 296 7.39 -36.51 23.72
N ASN A 297 6.79 -37.52 24.29
CA ASN A 297 6.90 -37.77 25.70
C ASN A 297 8.21 -38.53 26.02
N THR A 298 8.78 -39.13 24.98
CA THR A 298 10.05 -39.82 25.04
C THR A 298 11.17 -38.81 24.98
N HIS A 299 10.93 -37.66 24.33
CA HIS A 299 11.89 -36.60 24.28
C HIS A 299 11.86 -35.58 25.43
N PHE A 300 10.66 -35.19 25.85
CA PHE A 300 10.46 -34.06 26.75
C PHE A 300 10.18 -34.48 28.17
N LYS A 301 10.61 -33.65 29.11
CA LYS A 301 10.35 -33.85 30.54
C LYS A 301 8.95 -33.58 30.98
N LYS A 302 8.35 -32.46 30.54
CA LYS A 302 6.94 -32.19 30.88
C LYS A 302 6.02 -33.07 30.04
N GLN A 303 5.37 -34.02 30.70
CA GLN A 303 4.64 -35.08 30.05
C GLN A 303 3.26 -34.55 29.72
N LEU A 304 2.69 -35.09 28.65
CA LEU A 304 1.37 -34.76 28.11
C LEU A 304 0.51 -35.99 28.15
N SER A 305 -0.73 -35.84 28.55
CA SER A 305 -1.71 -36.82 28.18
C SER A 305 -2.74 -36.33 27.13
N ARG A 306 -3.55 -37.29 26.76
CA ARG A 306 -4.73 -37.13 25.94
C ARG A 306 -5.68 -35.96 26.35
N ASP A 307 -5.87 -35.83 27.65
CA ASP A 307 -6.72 -34.82 28.24
C ASP A 307 -6.17 -33.41 28.07
N ASP A 308 -4.87 -33.27 27.77
CA ASP A 308 -4.20 -31.98 27.48
C ASP A 308 -4.50 -31.43 26.10
N ILE A 309 -5.01 -32.27 25.21
CA ILE A 309 -5.26 -31.92 23.83
C ILE A 309 -6.50 -31.00 23.72
N VAL A 310 -6.31 -29.81 23.12
CA VAL A 310 -7.37 -28.78 23.04
C VAL A 310 -8.01 -28.73 21.66
N TRP A 311 -7.27 -29.22 20.65
CA TRP A 311 -7.76 -29.25 19.27
C TRP A 311 -6.94 -30.23 18.50
N THR A 312 -7.52 -30.71 17.40
CA THR A 312 -6.76 -31.52 16.41
C THR A 312 -7.27 -31.14 15.05
N TYR A 313 -6.46 -31.41 14.02
CA TYR A 313 -6.88 -31.27 12.65
C TYR A 313 -6.19 -32.34 11.87
N SER A 314 -6.72 -32.60 10.66
CA SER A 314 -6.23 -33.65 9.80
C SER A 314 -6.37 -33.36 8.33
N GLY A 315 -5.52 -33.94 7.48
CA GLY A 315 -5.71 -33.71 6.05
C GLY A 315 -5.07 -34.79 5.29
N VAL A 316 -5.41 -34.90 3.99
CA VAL A 316 -4.76 -35.91 3.14
C VAL A 316 -3.79 -35.32 2.12
N ARG A 317 -2.52 -35.70 2.17
CA ARG A 317 -1.57 -35.29 1.08
C ARG A 317 -1.93 -35.94 -0.25
N PRO A 318 -2.16 -35.11 -1.30
CA PRO A 318 -2.33 -35.72 -2.63
C PRO A 318 -0.93 -35.93 -3.32
N LEU A 319 -0.37 -37.13 -3.21
CA LEU A 319 1.02 -37.34 -3.55
C LEU A 319 1.01 -38.08 -4.81
N CYS A 320 1.76 -37.51 -5.77
CA CYS A 320 2.00 -38.20 -7.02
C CYS A 320 2.53 -39.62 -6.70
N ASP A 321 1.73 -40.60 -7.10
CA ASP A 321 2.02 -42.02 -6.92
C ASP A 321 3.36 -42.45 -7.61
N ASP A 322 4.48 -42.40 -6.89
CA ASP A 322 5.71 -43.03 -7.40
C ASP A 322 5.75 -44.56 -7.06
N GLU A 323 4.56 -45.12 -6.77
CA GLU A 323 4.31 -46.54 -6.37
C GLU A 323 5.20 -47.02 -5.27
N SER A 324 5.76 -46.04 -4.53
CA SER A 324 6.64 -46.33 -3.38
C SER A 324 5.88 -47.09 -2.34
N ASP A 325 6.46 -48.20 -1.91
CA ASP A 325 5.86 -49.02 -0.88
C ASP A 325 5.52 -48.29 0.47
N SER A 326 6.39 -47.38 0.93
CA SER A 326 6.19 -46.74 2.24
C SER A 326 5.69 -45.31 2.11
N PRO A 327 4.53 -44.97 2.76
CA PRO A 327 3.98 -43.60 2.71
C PRO A 327 4.97 -42.46 3.04
N GLN A 328 5.71 -42.58 4.12
CA GLN A 328 6.82 -41.63 4.37
C GLN A 328 7.87 -41.46 3.26
N ALA A 329 8.06 -42.49 2.44
CA ALA A 329 9.06 -42.44 1.34
C ALA A 329 8.53 -41.94 -0.02
N ILE A 330 7.21 -41.81 -0.19
CA ILE A 330 6.66 -41.32 -1.46
C ILE A 330 7.16 -39.91 -1.64
N THR A 331 7.43 -39.56 -2.90
CA THR A 331 7.91 -38.21 -3.18
C THR A 331 6.86 -37.12 -2.83
N ARG A 332 7.36 -36.08 -2.17
CA ARG A 332 6.74 -34.77 -2.00
C ARG A 332 7.01 -33.80 -3.13
N ASP A 333 7.63 -34.28 -4.21
CA ASP A 333 7.78 -33.41 -5.37
C ASP A 333 6.46 -33.39 -6.12
N TYR A 334 6.21 -32.30 -6.90
CA TYR A 334 5.08 -32.31 -7.77
C TYR A 334 5.31 -32.69 -9.27
N THR A 335 4.19 -33.00 -9.94
CA THR A 335 4.19 -33.29 -11.34
C THR A 335 3.03 -32.47 -11.97
N LEU A 336 3.34 -31.86 -13.11
CA LEU A 336 2.34 -31.11 -13.90
C LEU A 336 2.24 -31.75 -15.26
N ASP A 337 1.02 -31.80 -15.78
CA ASP A 337 0.80 -32.47 -16.98
C ASP A 337 -0.01 -31.60 -17.91
N ILE A 338 0.54 -31.27 -19.09
CA ILE A 338 -0.22 -30.50 -20.06
C ILE A 338 -0.62 -31.33 -21.28
N HIS A 339 -1.86 -31.22 -21.71
CA HIS A 339 -2.29 -31.97 -22.89
C HIS A 339 -3.28 -31.12 -23.65
N ASP A 340 -3.06 -30.97 -24.97
CA ASP A 340 -4.12 -30.37 -25.83
C ASP A 340 -4.86 -31.43 -26.68
N GLU A 341 -5.73 -30.90 -27.52
CA GLU A 341 -6.46 -31.67 -28.51
C GLU A 341 -6.49 -30.87 -29.81
N ASN A 342 -5.70 -31.29 -30.82
CA ASN A 342 -5.56 -30.56 -32.11
C ASN A 342 -4.92 -29.17 -31.89
N GLY A 343 -3.91 -29.14 -31.00
CA GLY A 343 -3.11 -27.90 -30.69
C GLY A 343 -3.85 -26.78 -29.91
N LYS A 344 -5.14 -27.00 -29.64
CA LYS A 344 -5.96 -26.11 -28.84
C LYS A 344 -6.56 -26.78 -27.53
N ALA A 345 -7.18 -25.95 -26.66
CA ALA A 345 -7.80 -26.33 -25.38
C ALA A 345 -6.89 -27.20 -24.51
N PRO A 346 -5.76 -26.58 -24.02
CA PRO A 346 -4.83 -27.33 -23.16
C PRO A 346 -5.55 -27.72 -21.86
N LEU A 347 -5.18 -28.84 -21.29
CA LEU A 347 -5.56 -29.20 -19.91
C LEU A 347 -4.31 -29.31 -19.07
N LEU A 348 -4.06 -28.35 -18.19
CA LEU A 348 -2.94 -28.48 -17.24
C LEU A 348 -3.49 -29.13 -15.92
N SER A 349 -2.81 -30.11 -15.36
CA SER A 349 -3.36 -30.83 -14.23
C SER A 349 -2.27 -31.00 -13.26
N VAL A 350 -2.59 -30.89 -11.96
CA VAL A 350 -1.56 -30.74 -10.95
C VAL A 350 -1.55 -31.95 -9.99
N PHE A 351 -0.36 -32.55 -9.79
CA PHE A 351 -0.17 -33.73 -9.01
C PHE A 351 0.90 -33.40 -7.98
N GLY A 352 0.49 -33.50 -6.71
CA GLY A 352 1.39 -33.18 -5.60
C GLY A 352 1.58 -31.69 -5.50
N GLY A 353 2.60 -31.26 -4.76
CA GLY A 353 2.92 -29.86 -4.68
C GLY A 353 2.77 -29.25 -3.31
N LYS A 354 3.84 -29.33 -2.51
CA LYS A 354 3.85 -28.71 -1.20
C LYS A 354 3.59 -27.20 -1.29
N LEU A 355 3.05 -26.64 -0.22
CA LEU A 355 2.75 -25.21 -0.15
C LEU A 355 4.01 -24.40 -0.44
N THR A 356 5.13 -24.86 0.13
CA THR A 356 6.45 -24.26 -0.06
C THR A 356 6.81 -23.94 -1.55
N THR A 357 6.44 -24.85 -2.44
CA THR A 357 6.92 -24.84 -3.79
C THR A 357 5.84 -24.28 -4.69
N TYR A 358 4.79 -23.66 -4.13
CA TYR A 358 3.56 -23.39 -4.94
C TYR A 358 3.81 -22.30 -6.02
N ARG A 359 4.68 -21.38 -5.72
CA ARG A 359 4.92 -20.24 -6.61
C ARG A 359 5.81 -20.68 -7.77
N LYS A 360 6.74 -21.57 -7.46
CA LYS A 360 7.46 -22.28 -8.52
C LYS A 360 6.56 -23.09 -9.41
N LEU A 361 5.66 -23.86 -8.77
CA LEU A 361 4.69 -24.69 -9.47
C LEU A 361 3.85 -23.80 -10.38
N ALA A 362 3.31 -22.73 -9.80
CA ALA A 362 2.43 -21.83 -10.58
C ALA A 362 3.11 -21.29 -11.87
N GLU A 363 4.43 -21.09 -11.75
CA GLU A 363 5.22 -20.44 -12.76
C GLU A 363 5.44 -21.44 -13.91
N HIS A 364 5.92 -22.67 -13.57
CA HIS A 364 6.06 -23.75 -14.51
C HIS A 364 4.78 -24.06 -15.27
N ALA A 365 3.63 -23.93 -14.58
CA ALA A 365 2.33 -24.18 -15.16
C ALA A 365 2.00 -23.16 -16.26
N LEU A 366 2.42 -21.90 -16.03
CA LEU A 366 2.18 -20.86 -16.97
C LEU A 366 3.19 -20.96 -18.11
N GLU A 367 4.41 -21.37 -17.82
CA GLU A 367 5.40 -21.75 -18.81
C GLU A 367 4.75 -22.69 -19.87
N LYS A 368 4.22 -23.84 -19.41
CA LYS A 368 3.53 -24.83 -20.25
C LYS A 368 2.30 -24.28 -20.92
N LEU A 369 1.58 -23.38 -20.27
CA LEU A 369 0.42 -22.76 -20.90
C LEU A 369 0.75 -21.64 -21.90
N THR A 370 2.01 -21.20 -21.94
CA THR A 370 2.35 -20.01 -22.77
C THR A 370 1.97 -20.15 -24.29
N PRO A 371 2.55 -21.16 -25.00
CA PRO A 371 2.14 -21.36 -26.42
C PRO A 371 0.67 -20.98 -26.78
N TYR A 372 -0.30 -21.19 -25.88
CA TYR A 372 -1.74 -21.10 -26.26
C TYR A 372 -2.29 -19.70 -26.06
N TYR A 373 -1.45 -18.82 -25.54
CA TYR A 373 -1.83 -17.38 -25.39
C TYR A 373 -0.78 -16.46 -26.04
N GLN A 374 -1.25 -15.72 -27.05
CA GLN A 374 -0.75 -14.35 -27.44
C GLN A 374 0.66 -13.82 -27.12
N GLY A 375 0.86 -12.61 -26.59
CA GLY A 375 -0.15 -11.79 -25.91
C GLY A 375 0.26 -11.77 -24.44
N ILE A 376 0.49 -12.99 -23.93
CA ILE A 376 0.81 -13.32 -22.54
C ILE A 376 2.09 -12.67 -22.03
N GLY A 377 1.96 -11.92 -20.93
CA GLY A 377 3.13 -11.36 -20.24
C GLY A 377 4.06 -12.41 -19.71
N PRO A 378 5.25 -11.98 -19.22
CA PRO A 378 6.20 -12.96 -18.79
C PRO A 378 6.01 -13.32 -17.29
N ALA A 379 6.93 -14.15 -16.77
CA ALA A 379 6.97 -14.44 -15.36
C ALA A 379 7.16 -13.07 -14.65
N TRP A 380 6.60 -12.95 -13.43
CA TRP A 380 6.60 -11.74 -12.65
C TRP A 380 6.48 -11.93 -11.11
N THR A 381 6.18 -13.15 -10.61
CA THR A 381 5.72 -13.22 -9.17
C THR A 381 6.83 -13.17 -8.11
N LYS A 382 8.04 -13.64 -8.50
CA LYS A 382 9.25 -13.56 -7.67
C LYS A 382 9.45 -12.22 -7.03
N GLU A 383 9.12 -11.15 -7.78
CA GLU A 383 9.37 -9.79 -7.37
C GLU A 383 8.06 -9.13 -6.89
N SER A 384 6.98 -9.89 -6.73
CA SER A 384 5.76 -9.29 -6.22
C SER A 384 5.71 -9.28 -4.70
N VAL A 385 4.66 -8.71 -4.19
CA VAL A 385 4.43 -8.60 -2.75
C VAL A 385 2.92 -8.84 -2.72
N LEU A 386 2.44 -9.90 -2.03
CA LEU A 386 1.00 -10.25 -2.07
C LEU A 386 0.16 -9.27 -1.20
N PRO A 387 -1.14 -9.12 -1.51
CA PRO A 387 -2.03 -8.25 -0.70
C PRO A 387 -1.92 -8.60 0.77
N GLY A 388 -1.81 -7.57 1.63
CA GLY A 388 -1.44 -7.70 3.04
C GLY A 388 0.03 -7.53 3.32
N GLY A 389 0.88 -7.81 2.32
CA GLY A 389 2.34 -7.88 2.53
C GLY A 389 3.01 -6.49 2.57
N ALA A 390 2.31 -5.42 2.24
CA ALA A 390 3.03 -4.15 1.99
C ALA A 390 3.22 -3.43 3.32
N ILE A 391 4.15 -3.93 4.11
CA ILE A 391 4.30 -3.46 5.45
C ILE A 391 5.72 -3.01 5.74
N GLU A 392 6.73 -3.49 4.98
CA GLU A 392 8.16 -3.75 5.47
C GLU A 392 8.56 -3.73 7.02
N GLY A 393 8.58 -4.91 7.72
CA GLY A 393 8.96 -5.07 9.18
C GLY A 393 8.28 -6.05 10.21
N ASP A 394 6.96 -5.92 10.42
CA ASP A 394 6.01 -6.91 11.07
C ASP A 394 5.75 -6.92 12.57
N ARG A 395 6.85 -7.18 13.30
CA ARG A 395 6.76 -7.90 14.58
C ARG A 395 6.50 -6.99 15.74
N ASP A 396 5.80 -5.93 15.37
CA ASP A 396 5.38 -4.79 16.18
C ASP A 396 5.85 -3.73 15.27
N ASP A 397 6.81 -4.06 14.41
CA ASP A 397 7.19 -2.98 13.50
C ASP A 397 5.90 -2.54 12.89
N TYR A 398 5.19 -3.41 12.21
CA TYR A 398 3.89 -2.99 11.76
C TYR A 398 2.83 -2.81 12.84
N ALA A 399 2.75 -3.72 13.81
CA ALA A 399 1.77 -3.64 14.90
C ALA A 399 1.91 -2.39 15.79
N ALA A 400 3.15 -1.98 16.11
CA ALA A 400 3.43 -0.70 16.78
C ALA A 400 3.07 0.48 15.89
N ARG A 401 3.53 0.49 14.63
CA ARG A 401 3.04 1.48 13.65
C ARG A 401 1.49 1.66 13.61
N LEU A 402 0.71 0.57 13.84
CA LEU A 402 -0.74 0.58 13.86
C LEU A 402 -1.34 1.09 15.14
N ARG A 403 -0.77 0.68 16.26
CA ARG A 403 -1.16 1.21 17.52
C ARG A 403 -0.86 2.70 17.53
N ARG A 404 0.20 3.12 16.84
CA ARG A 404 0.49 4.55 16.72
C ARG A 404 -0.67 5.25 16.03
N ARG A 405 -0.88 4.93 14.75
CA ARG A 405 -2.00 5.48 13.99
C ARG A 405 -3.40 5.24 14.64
N TYR A 406 -3.63 4.11 15.27
CA TYR A 406 -4.96 3.84 15.80
C TYR A 406 -4.88 3.59 17.30
N PRO A 407 -4.65 4.65 18.11
CA PRO A 407 -4.28 4.53 19.57
C PRO A 407 -5.31 3.79 20.42
N PHE A 408 -6.55 3.69 19.96
CA PHE A 408 -7.57 2.86 20.66
C PHE A 408 -7.32 1.33 20.49
N LEU A 409 -6.38 0.96 19.62
CA LEU A 409 -6.01 -0.46 19.49
C LEU A 409 -5.26 -0.91 20.74
N THR A 410 -5.80 -1.94 21.37
CA THR A 410 -5.11 -2.78 22.32
C THR A 410 -3.85 -3.38 21.70
N GLU A 411 -2.86 -3.74 22.51
CA GLU A 411 -1.66 -4.31 21.93
C GLU A 411 -1.96 -5.71 21.38
N SER A 412 -2.85 -6.49 21.99
CA SER A 412 -3.21 -7.79 21.44
C SER A 412 -3.94 -7.61 20.06
N LEU A 413 -4.96 -6.74 20.01
CA LEU A 413 -5.70 -6.51 18.79
C LEU A 413 -4.81 -5.96 17.70
N ALA A 414 -3.88 -5.10 18.03
CA ALA A 414 -3.03 -4.61 16.97
C ALA A 414 -2.08 -5.74 16.46
N ARG A 415 -1.65 -6.61 17.36
CA ARG A 415 -0.79 -7.70 16.95
C ARG A 415 -1.55 -8.67 15.98
N HIS A 416 -2.83 -8.89 16.27
CA HIS A 416 -3.70 -9.76 15.53
C HIS A 416 -3.94 -9.18 14.18
N TYR A 417 -4.40 -7.92 14.14
CA TYR A 417 -4.55 -7.25 12.84
C TYR A 417 -3.27 -7.29 12.03
N ALA A 418 -2.16 -7.01 12.68
CA ALA A 418 -0.91 -6.93 11.91
C ALA A 418 -0.45 -8.26 11.30
N ARG A 419 -0.69 -9.35 12.06
CA ARG A 419 -0.19 -10.65 11.77
C ARG A 419 -1.20 -11.44 10.89
N THR A 420 -2.45 -10.96 10.84
CA THR A 420 -3.55 -11.48 9.97
C THR A 420 -3.69 -10.64 8.69
N TYR A 421 -4.09 -9.37 8.85
CA TYR A 421 -4.46 -8.51 7.71
C TYR A 421 -3.25 -7.79 7.05
N GLY A 422 -2.22 -7.56 7.84
CA GLY A 422 -1.11 -6.77 7.42
C GLY A 422 -1.53 -5.39 6.93
N SER A 423 -0.84 -4.91 5.90
CA SER A 423 -1.28 -3.74 5.16
C SER A 423 -2.74 -3.67 4.69
N ASN A 424 -3.56 -4.71 4.78
CA ASN A 424 -5.04 -4.54 4.63
C ASN A 424 -5.79 -4.06 5.89
N SER A 425 -5.05 -3.79 6.98
CA SER A 425 -5.68 -3.40 8.26
C SER A 425 -6.49 -2.09 8.20
N GLU A 426 -6.01 -1.11 7.44
CA GLU A 426 -6.66 0.22 7.42
C GLU A 426 -7.94 0.11 6.61
N LEU A 427 -7.95 -0.86 5.70
CA LEU A 427 -9.16 -1.19 5.00
C LEU A 427 -10.24 -1.77 5.89
N LEU A 428 -9.85 -2.62 6.81
CA LEU A 428 -10.75 -3.18 7.82
C LEU A 428 -11.28 -2.11 8.79
N LEU A 429 -10.36 -1.28 9.22
CA LEU A 429 -10.62 -0.36 10.29
C LEU A 429 -11.39 0.85 9.71
N GLY A 430 -11.31 1.10 8.39
CA GLY A 430 -12.14 2.13 7.73
C GLY A 430 -12.10 3.47 8.48
N ASN A 431 -13.26 4.03 8.80
CA ASN A 431 -13.37 5.31 9.59
C ASN A 431 -13.51 5.19 11.13
N ALA A 432 -13.23 4.01 11.72
CA ALA A 432 -13.13 3.79 13.20
C ALA A 432 -12.12 4.74 13.88
N GLY A 433 -12.49 5.25 15.05
CA GLY A 433 -11.58 6.06 15.83
C GLY A 433 -11.70 5.76 17.30
N THR A 434 -12.68 4.92 17.66
CA THR A 434 -12.78 4.35 19.01
C THR A 434 -13.06 2.83 18.91
N VAL A 435 -12.89 2.10 20.02
CA VAL A 435 -13.35 0.68 20.15
C VAL A 435 -14.82 0.42 19.88
N SER A 436 -15.72 1.34 20.19
CA SER A 436 -17.13 0.99 19.97
C SER A 436 -17.50 1.20 18.51
N ASP A 437 -16.65 1.95 17.79
CA ASP A 437 -16.72 2.00 16.32
C ASP A 437 -16.50 0.64 15.67
N LEU A 438 -15.86 -0.30 16.37
CA LEU A 438 -15.67 -1.67 15.89
C LEU A 438 -16.97 -2.53 15.95
N GLY A 439 -18.03 -2.09 16.67
CA GLY A 439 -19.29 -2.84 16.68
C GLY A 439 -19.25 -4.01 17.69
N GLU A 440 -20.24 -4.91 17.59
CA GLU A 440 -20.38 -6.08 18.43
C GLU A 440 -19.08 -6.79 18.65
N ASP A 441 -18.79 -7.02 19.92
CA ASP A 441 -17.67 -7.82 20.36
C ASP A 441 -18.26 -9.23 20.34
N PHE A 442 -17.61 -10.13 19.59
CA PHE A 442 -18.09 -11.50 19.47
C PHE A 442 -17.30 -12.38 20.44
N GLY A 443 -16.26 -11.85 21.04
CA GLY A 443 -15.44 -12.57 21.97
C GLY A 443 -13.99 -12.53 21.50
N HIS A 444 -13.07 -12.54 22.45
CA HIS A 444 -11.62 -12.55 22.18
C HIS A 444 -11.24 -11.44 21.19
N GLU A 445 -11.77 -10.21 21.42
CA GLU A 445 -11.56 -9.05 20.51
C GLU A 445 -11.79 -9.32 19.02
N PHE A 446 -12.79 -10.14 18.76
CA PHE A 446 -13.17 -10.48 17.40
C PHE A 446 -14.44 -9.68 17.18
N TYR A 447 -14.30 -8.52 16.55
CA TYR A 447 -15.34 -7.56 16.41
C TYR A 447 -16.00 -7.59 15.07
N GLU A 448 -17.23 -7.12 15.06
CA GLU A 448 -18.01 -7.01 13.86
C GLU A 448 -17.29 -6.33 12.64
N ALA A 449 -16.42 -5.35 12.90
CA ALA A 449 -15.61 -4.70 11.85
C ALA A 449 -14.67 -5.70 11.18
N GLU A 450 -14.11 -6.63 11.98
CA GLU A 450 -13.30 -7.73 11.42
C GLU A 450 -14.18 -8.67 10.60
N LEU A 451 -15.27 -9.13 11.18
CA LEU A 451 -16.14 -10.07 10.51
C LEU A 451 -16.78 -9.50 9.22
N LYS A 452 -17.16 -8.23 9.22
CA LYS A 452 -17.75 -7.64 8.04
C LYS A 452 -16.69 -7.48 6.98
N TYR A 453 -15.51 -7.04 7.41
CA TYR A 453 -14.38 -6.97 6.48
C TYR A 453 -14.12 -8.34 5.81
N LEU A 454 -14.24 -9.40 6.59
CA LEU A 454 -14.04 -10.77 6.07
C LEU A 454 -15.05 -11.16 5.04
N VAL A 455 -16.32 -10.85 5.27
CA VAL A 455 -17.32 -11.09 4.26
C VAL A 455 -17.09 -10.24 2.96
N ASP A 456 -16.72 -8.96 3.13
CA ASP A 456 -16.60 -8.03 2.03
C ASP A 456 -15.33 -8.26 1.22
N HIS A 457 -14.25 -8.70 1.89
CA HIS A 457 -13.02 -8.77 1.18
C HIS A 457 -12.32 -10.09 1.15
N GLU A 458 -12.91 -11.07 1.85
CA GLU A 458 -12.23 -12.34 2.07
C GLU A 458 -13.08 -13.57 1.87
N TRP A 459 -14.20 -13.44 1.14
CA TRP A 459 -15.10 -14.57 0.71
C TRP A 459 -15.69 -15.38 1.82
N VAL A 460 -15.70 -14.82 3.04
CA VAL A 460 -16.30 -15.51 4.14
C VAL A 460 -17.81 -15.62 3.92
N ARG A 461 -18.34 -16.83 4.11
CA ARG A 461 -19.68 -17.12 3.91
C ARG A 461 -20.29 -17.76 5.15
N ARG A 462 -19.52 -18.60 5.88
CA ARG A 462 -19.90 -19.40 7.11
C ARG A 462 -18.96 -19.13 8.31
N ALA A 463 -19.41 -19.46 9.52
CA ALA A 463 -18.55 -19.16 10.73
C ALA A 463 -17.14 -19.73 10.62
N ASP A 464 -17.04 -20.98 10.18
CA ASP A 464 -15.75 -21.65 10.12
C ASP A 464 -14.78 -21.00 9.15
N ASP A 465 -15.25 -20.44 8.02
CA ASP A 465 -14.38 -19.75 7.08
C ASP A 465 -13.70 -18.66 7.88
N ALA A 466 -14.47 -17.97 8.73
CA ALA A 466 -13.96 -16.82 9.51
C ALA A 466 -13.10 -17.24 10.68
N LEU A 467 -13.50 -18.31 11.37
CA LEU A 467 -12.97 -18.59 12.67
C LEU A 467 -11.90 -19.65 12.65
N TRP A 468 -11.82 -20.39 11.53
CA TRP A 468 -10.85 -21.47 11.40
C TRP A 468 -9.93 -21.36 10.24
N ARG A 469 -10.32 -20.60 9.21
CA ARG A 469 -9.48 -20.41 8.04
C ARG A 469 -8.91 -19.00 7.89
N ARG A 470 -9.72 -17.95 7.84
CA ARG A 470 -9.12 -16.59 7.76
C ARG A 470 -8.43 -16.22 9.07
N THR A 471 -8.86 -16.83 10.22
CA THR A 471 -8.22 -16.63 11.52
C THR A 471 -8.25 -17.97 12.20
N LYS A 472 -7.79 -17.98 13.46
CA LYS A 472 -7.93 -19.15 14.35
C LYS A 472 -8.61 -18.76 15.64
N GLN A 473 -9.48 -17.74 15.55
CA GLN A 473 -10.37 -17.30 16.66
C GLN A 473 -11.21 -18.46 17.15
N GLY A 474 -11.52 -19.43 16.32
CA GLY A 474 -12.27 -20.59 16.86
C GLY A 474 -11.50 -21.30 17.98
N MET A 475 -10.21 -21.09 18.10
CA MET A 475 -9.53 -21.61 19.32
C MET A 475 -10.02 -21.03 20.67
N TRP A 476 -10.60 -19.81 20.68
CA TRP A 476 -10.97 -19.14 21.91
C TRP A 476 -12.49 -18.96 22.03
N LEU A 477 -13.24 -18.88 20.93
CA LEU A 477 -14.69 -18.60 21.09
C LEU A 477 -15.41 -19.85 21.53
N ASN A 478 -16.32 -19.73 22.51
CA ASN A 478 -17.08 -20.89 22.98
C ASN A 478 -18.22 -21.24 21.98
N ALA A 479 -18.93 -22.34 22.21
CA ALA A 479 -19.95 -22.80 21.29
C ALA A 479 -21.04 -21.74 21.05
N ASP A 480 -21.47 -21.00 22.09
CA ASP A 480 -22.49 -20.00 21.81
C ASP A 480 -21.92 -18.77 21.13
N GLN A 481 -20.67 -18.40 21.41
CA GLN A 481 -20.07 -17.30 20.67
C GLN A 481 -19.99 -17.59 19.17
N GLN A 482 -19.72 -18.86 18.84
CA GLN A 482 -19.53 -19.29 17.46
C GLN A 482 -20.85 -19.30 16.73
N SER A 483 -21.91 -19.66 17.42
CA SER A 483 -23.19 -19.68 16.74
C SER A 483 -23.81 -18.27 16.57
N ARG A 484 -23.48 -17.36 17.44
CA ARG A 484 -23.73 -15.94 17.24
C ARG A 484 -22.94 -15.38 16.03
N VAL A 485 -21.68 -15.82 15.82
CA VAL A 485 -20.99 -15.46 14.59
C VAL A 485 -21.82 -15.99 13.41
N SER A 486 -22.25 -17.24 13.42
CA SER A 486 -23.10 -17.78 12.31
C SER A 486 -24.40 -17.01 12.05
N GLN A 487 -25.15 -16.76 13.14
CA GLN A 487 -26.37 -15.92 13.20
C GLN A 487 -26.14 -14.57 12.55
N TRP A 488 -25.12 -13.81 13.00
CA TRP A 488 -24.66 -12.57 12.31
C TRP A 488 -24.41 -12.69 10.77
N LEU A 489 -23.71 -13.74 10.35
CA LEU A 489 -23.37 -13.94 8.94
C LEU A 489 -24.64 -14.18 8.08
N VAL A 490 -25.60 -14.95 8.64
CA VAL A 490 -26.94 -15.09 8.10
C VAL A 490 -27.60 -13.70 7.90
N GLU A 491 -27.72 -12.91 8.96
CA GLU A 491 -28.30 -11.56 8.89
C GLU A 491 -27.56 -10.67 7.89
N TYR A 492 -26.25 -10.70 7.89
CA TYR A 492 -25.55 -9.80 7.02
C TYR A 492 -25.57 -10.29 5.61
N THR A 493 -25.36 -11.58 5.35
CA THR A 493 -25.34 -12.11 3.97
C THR A 493 -26.75 -12.32 3.41
N GLN A 494 -27.76 -11.93 4.17
CA GLN A 494 -29.14 -11.78 3.63
C GLN A 494 -29.12 -10.90 2.36
N GLN A 495 -29.09 -9.54 2.37
CA GLN A 495 -29.46 -8.53 3.41
C GLN A 495 -28.38 -8.01 4.38
N MET B 1 3.96 14.48 30.12
CA MET B 1 2.49 14.61 30.40
C MET B 1 1.69 14.49 29.05
N GLU B 2 0.80 15.45 28.80
CA GLU B 2 0.26 15.75 27.47
C GLU B 2 1.22 16.72 26.72
N THR B 3 2.41 16.92 27.28
CA THR B 3 3.42 17.71 26.61
C THR B 3 3.92 17.08 25.29
N LYS B 4 3.57 17.77 24.18
CA LYS B 4 4.04 17.40 22.85
C LYS B 4 5.46 17.81 22.74
N ASP B 5 6.21 17.09 21.95
CA ASP B 5 7.55 17.54 21.61
C ASP B 5 7.53 18.85 20.78
N LEU B 6 6.64 18.90 19.78
CA LEU B 6 6.65 19.94 18.74
C LEU B 6 5.20 20.40 18.45
N ILE B 7 4.91 21.69 18.59
CA ILE B 7 3.76 22.26 17.92
C ILE B 7 4.15 23.02 16.65
N VAL B 8 3.45 22.64 15.57
CA VAL B 8 3.53 23.31 14.27
C VAL B 8 2.25 24.16 14.04
N ILE B 9 2.43 25.48 13.97
CA ILE B 9 1.34 26.38 13.69
C ILE B 9 1.43 26.64 12.19
N GLY B 10 0.46 26.11 11.43
CA GLY B 10 0.36 26.38 10.02
C GLY B 10 0.22 25.09 9.24
N GLY B 11 -0.84 24.97 8.45
CA GLY B 11 -0.94 23.78 7.56
C GLY B 11 -1.08 24.04 6.10
N GLY B 12 -0.18 24.87 5.57
CA GLY B 12 0.20 24.83 4.19
C GLY B 12 1.33 23.88 3.99
N ILE B 13 1.99 23.98 2.84
CA ILE B 13 3.07 23.05 2.49
C ILE B 13 4.19 22.97 3.52
N ASN B 14 4.60 24.11 4.06
CA ASN B 14 5.76 24.14 4.99
C ASN B 14 5.46 23.63 6.38
N GLY B 15 4.31 24.04 6.95
CA GLY B 15 3.87 23.44 8.17
C GLY B 15 3.65 21.93 8.06
N ALA B 16 2.88 21.48 7.05
CA ALA B 16 2.63 20.02 6.89
C ALA B 16 3.90 19.24 6.68
N GLY B 17 4.84 19.74 5.87
CA GLY B 17 6.07 19.04 5.66
C GLY B 17 6.97 19.01 6.93
N ILE B 18 6.98 20.12 7.68
CA ILE B 18 7.79 20.07 8.89
C ILE B 18 7.17 19.05 9.82
N ALA B 19 5.86 19.18 10.00
CA ALA B 19 5.15 18.26 10.90
C ALA B 19 5.35 16.77 10.50
N ALA B 20 5.22 16.42 9.21
CA ALA B 20 5.47 15.02 8.70
C ALA B 20 6.90 14.47 9.00
N ASP B 21 7.91 15.26 8.65
CA ASP B 21 9.30 15.00 8.98
C ASP B 21 9.39 14.76 10.50
N ALA B 22 9.05 15.76 11.31
CA ALA B 22 9.10 15.56 12.77
C ALA B 22 8.48 14.22 13.24
N ALA B 23 7.20 13.97 12.90
CA ALA B 23 6.54 12.73 13.40
C ALA B 23 7.33 11.46 13.03
N GLY B 24 7.91 11.46 11.83
CA GLY B 24 8.72 10.35 11.32
C GLY B 24 10.11 10.25 11.97
N ARG B 25 10.44 11.16 12.88
CA ARG B 25 11.70 11.09 13.60
C ARG B 25 11.42 10.81 15.07
N GLY B 26 10.20 10.41 15.38
CA GLY B 26 9.90 10.01 16.71
C GLY B 26 9.21 11.06 17.59
N LEU B 27 9.23 12.34 17.18
CA LEU B 27 8.61 13.38 17.98
C LEU B 27 7.07 13.26 18.06
N SER B 28 6.49 13.54 19.23
CA SER B 28 5.02 13.76 19.32
C SER B 28 4.58 15.14 18.74
N VAL B 29 3.75 15.13 17.69
CA VAL B 29 3.52 16.29 16.84
C VAL B 29 2.06 16.67 16.84
N LEU B 30 1.83 17.98 16.94
CA LEU B 30 0.50 18.58 16.76
C LEU B 30 0.61 19.77 15.78
N MET B 31 -0.06 19.63 14.64
CA MET B 31 -0.04 20.59 13.60
C MET B 31 -1.35 21.28 13.60
N LEU B 32 -1.34 22.61 13.64
CA LEU B 32 -2.55 23.40 13.87
C LEU B 32 -2.78 24.25 12.62
N GLU B 33 -3.98 24.18 12.04
CA GLU B 33 -4.41 24.98 10.89
C GLU B 33 -5.68 25.76 11.21
N ALA B 34 -5.61 27.09 11.08
CA ALA B 34 -6.67 27.97 11.46
C ALA B 34 -7.93 27.73 10.67
N GLN B 35 -7.79 27.43 9.40
CA GLN B 35 -8.97 27.19 8.58
C GLN B 35 -8.97 25.76 7.91
N ASP B 36 -8.65 25.66 6.64
CA ASP B 36 -8.49 24.39 5.96
C ASP B 36 -7.07 24.22 5.53
N LEU B 37 -6.64 22.97 5.43
CA LEU B 37 -5.36 22.63 4.81
C LEU B 37 -5.18 23.31 3.45
N ALA B 38 -3.99 23.87 3.17
CA ALA B 38 -3.74 24.62 1.92
C ALA B 38 -4.71 25.77 1.62
N CYS B 39 -5.44 26.28 2.60
CA CYS B 39 -6.37 27.29 2.28
C CYS B 39 -5.80 28.59 1.79
N ALA B 40 -4.46 28.79 1.85
CA ALA B 40 -3.86 30.09 1.48
C ALA B 40 -2.87 29.85 0.40
N THR B 41 -1.60 30.17 0.62
CA THR B 41 -0.65 30.31 -0.50
C THR B 41 -0.49 29.04 -1.22
N SER B 42 -0.59 27.91 -0.48
CA SER B 42 -0.30 26.57 -1.04
C SER B 42 -1.39 26.03 -1.93
N SER B 43 -2.46 26.75 -2.14
CA SER B 43 -3.45 26.30 -3.09
C SER B 43 -3.53 27.37 -4.21
N ALA B 44 -2.61 28.34 -4.21
CA ALA B 44 -2.72 29.47 -5.07
C ALA B 44 -1.48 29.61 -5.91
N SER B 45 -0.74 28.53 -6.08
CA SER B 45 0.49 28.60 -6.78
C SER B 45 0.25 28.26 -8.25
N SER B 46 1.32 28.28 -9.03
CA SER B 46 1.30 27.90 -10.44
C SER B 46 1.34 26.39 -10.60
N LYS B 47 1.44 25.66 -9.48
CA LYS B 47 1.36 24.17 -9.53
C LYS B 47 2.50 23.49 -10.26
N LEU B 48 3.72 24.01 -10.09
CA LEU B 48 4.92 23.51 -10.80
C LEU B 48 5.93 23.12 -9.79
N ILE B 49 6.64 22.03 -10.06
CA ILE B 49 7.82 21.67 -9.27
C ILE B 49 8.86 22.05 -10.25
N HIS B 50 9.42 23.21 -10.05
CA HIS B 50 10.29 23.71 -11.08
C HIS B 50 11.66 23.98 -10.49
N GLY B 51 12.69 24.06 -11.31
CA GLY B 51 14.02 24.46 -10.79
C GLY B 51 14.12 25.99 -10.64
N GLY B 52 13.51 26.75 -11.54
CA GLY B 52 13.41 28.19 -11.34
C GLY B 52 14.26 28.86 -12.38
N LEU B 53 13.90 28.63 -13.64
CA LEU B 53 14.69 29.06 -14.77
C LEU B 53 15.04 30.55 -14.67
N ARG B 54 14.01 31.40 -14.67
CA ARG B 54 14.21 32.88 -14.49
C ARG B 54 15.13 33.34 -13.27
N TYR B 55 15.29 32.47 -12.27
CA TYR B 55 16.14 32.80 -11.10
C TYR B 55 17.64 32.65 -11.38
N LEU B 56 17.99 31.91 -12.43
CA LEU B 56 19.35 31.88 -13.04
C LEU B 56 19.92 33.31 -13.32
N GLU B 57 19.14 34.14 -14.02
CA GLU B 57 19.43 35.55 -14.24
C GLU B 57 19.91 36.31 -12.99
N HIS B 58 19.32 36.06 -11.82
CA HIS B 58 19.63 36.77 -10.57
C HIS B 58 20.61 35.97 -9.69
N TYR B 59 21.33 35.03 -10.32
CA TYR B 59 22.46 34.25 -9.77
C TYR B 59 22.12 33.40 -8.55
N GLU B 60 20.87 32.92 -8.52
CA GLU B 60 20.28 32.18 -7.36
C GLU B 60 20.60 30.67 -7.42
N PHE B 61 21.88 30.35 -7.46
CA PHE B 61 22.32 28.99 -7.70
C PHE B 61 22.00 27.98 -6.61
N ARG B 62 22.09 28.36 -5.34
CA ARG B 62 21.78 27.42 -4.25
C ARG B 62 20.35 26.90 -4.38
N LEU B 63 19.43 27.83 -4.61
CA LEU B 63 18.01 27.54 -4.78
C LEU B 63 17.73 26.74 -6.09
N VAL B 64 18.12 27.27 -7.27
CA VAL B 64 17.89 26.58 -8.56
C VAL B 64 18.43 25.12 -8.46
N SER B 65 19.64 25.00 -7.91
CA SER B 65 20.32 23.78 -7.67
C SER B 65 19.48 22.81 -6.84
N GLU B 66 19.15 23.24 -5.62
CA GLU B 66 18.34 22.39 -4.74
C GLU B 66 16.94 22.09 -5.37
N ALA B 67 16.30 23.12 -5.94
CA ALA B 67 14.95 22.97 -6.48
C ALA B 67 14.92 21.96 -7.63
N LEU B 68 15.95 21.97 -8.47
CA LEU B 68 16.06 20.99 -9.62
C LEU B 68 16.23 19.55 -9.14
N ALA B 69 17.13 19.31 -8.20
CA ALA B 69 17.34 17.96 -7.66
C ALA B 69 16.09 17.40 -6.95
N GLU B 70 15.31 18.29 -6.34
CA GLU B 70 14.08 17.87 -5.67
C GLU B 70 12.97 17.48 -6.64
N ARG B 71 13.04 17.92 -7.91
CA ARG B 71 12.01 17.55 -8.88
C ARG B 71 11.79 16.03 -8.81
N GLU B 72 12.90 15.29 -8.97
CA GLU B 72 12.82 13.85 -9.04
C GLU B 72 12.59 13.15 -7.72
N VAL B 73 13.09 13.68 -6.61
CA VAL B 73 12.63 13.19 -5.31
C VAL B 73 11.09 13.28 -5.14
N LEU B 74 10.48 14.40 -5.53
CA LEU B 74 9.02 14.61 -5.40
C LEU B 74 8.18 13.77 -6.37
N LEU B 75 8.62 13.69 -7.64
CA LEU B 75 8.06 12.63 -8.53
C LEU B 75 7.94 11.21 -7.94
N LYS B 76 8.99 10.68 -7.33
CA LYS B 76 8.85 9.35 -6.68
C LYS B 76 8.01 9.40 -5.40
N MET B 77 8.03 10.53 -4.67
CA MET B 77 7.22 10.64 -3.46
C MET B 77 5.75 10.68 -3.75
N ALA B 78 5.37 11.37 -4.84
CA ALA B 78 3.95 11.57 -5.08
C ALA B 78 3.52 11.36 -6.59
N PRO B 79 3.79 10.15 -7.15
CA PRO B 79 3.53 9.91 -8.57
C PRO B 79 2.04 9.99 -8.89
N HIS B 80 1.17 9.86 -7.89
CA HIS B 80 -0.27 10.02 -8.17
C HIS B 80 -0.68 11.50 -8.43
N ILE B 81 0.09 12.48 -7.89
CA ILE B 81 -0.27 13.88 -8.10
C ILE B 81 0.72 14.75 -8.86
N ALA B 82 1.90 14.19 -9.10
CA ALA B 82 3.01 14.93 -9.70
C ALA B 82 3.38 14.18 -10.95
N PHE B 83 3.78 14.89 -12.01
CA PHE B 83 4.20 14.24 -13.25
C PHE B 83 5.10 15.17 -14.07
N PRO B 84 5.94 14.60 -15.00
CA PRO B 84 6.74 15.47 -15.88
C PRO B 84 5.97 16.29 -16.92
N MET B 85 6.44 17.48 -17.25
CA MET B 85 5.79 18.36 -18.22
C MET B 85 6.92 19.01 -19.01
N ARG B 86 6.68 19.23 -20.30
CA ARG B 86 7.63 19.88 -21.18
C ARG B 86 7.28 21.39 -21.34
N PHE B 87 8.27 22.28 -21.33
CA PHE B 87 7.96 23.70 -21.42
C PHE B 87 8.57 24.25 -22.65
N ARG B 88 7.74 24.94 -23.42
CA ARG B 88 8.17 25.58 -24.62
C ARG B 88 8.39 27.06 -24.41
N LEU B 89 9.67 27.44 -24.54
CA LEU B 89 10.14 28.81 -24.52
C LEU B 89 10.27 29.48 -25.90
N PRO B 90 9.26 30.31 -26.33
CA PRO B 90 9.47 31.02 -27.61
C PRO B 90 10.59 32.10 -27.56
N HIS B 91 11.29 32.19 -28.68
CA HIS B 91 12.46 33.09 -28.82
C HIS B 91 12.09 34.53 -29.22
N ARG B 92 12.60 35.46 -28.42
CA ARG B 92 12.22 36.86 -28.50
C ARG B 92 13.61 37.46 -28.33
N PRO B 93 14.43 37.47 -29.44
CA PRO B 93 15.88 37.82 -29.41
C PRO B 93 16.13 39.27 -28.91
N HIS B 94 15.13 40.15 -29.06
CA HIS B 94 15.14 41.52 -28.55
C HIS B 94 15.09 41.65 -27.03
N LEU B 95 14.86 40.53 -26.34
CA LEU B 95 14.76 40.55 -24.90
C LEU B 95 15.88 39.75 -24.32
N ARG B 96 16.10 38.59 -24.94
CA ARG B 96 17.16 37.69 -24.51
C ARG B 96 17.85 37.07 -25.72
N PRO B 97 19.20 37.11 -25.74
CA PRO B 97 19.88 36.57 -26.92
C PRO B 97 19.95 35.03 -26.83
N ALA B 98 19.95 34.35 -27.98
CA ALA B 98 19.89 32.85 -28.01
C ALA B 98 21.02 32.22 -27.25
N TRP B 99 22.20 32.85 -27.32
CA TRP B 99 23.38 32.36 -26.62
C TRP B 99 23.17 32.33 -25.13
N MET B 100 22.36 33.28 -24.66
CA MET B 100 22.00 33.42 -23.25
C MET B 100 21.02 32.35 -22.77
N ILE B 101 19.98 32.10 -23.56
CA ILE B 101 19.07 30.97 -23.26
C ILE B 101 19.83 29.62 -23.10
N ARG B 102 20.62 29.31 -24.12
CA ARG B 102 21.43 28.11 -24.14
C ARG B 102 22.23 27.96 -22.86
N ILE B 103 22.99 28.99 -22.50
CA ILE B 103 23.78 28.92 -21.28
C ILE B 103 22.86 28.54 -20.10
N GLY B 104 21.71 29.21 -19.98
CA GLY B 104 20.81 28.94 -18.87
C GLY B 104 20.26 27.52 -18.91
N LEU B 105 19.83 27.08 -20.10
CA LEU B 105 19.31 25.70 -20.31
C LEU B 105 20.37 24.61 -19.99
N PHE B 106 21.63 24.86 -20.35
CA PHE B 106 22.72 23.92 -19.99
C PHE B 106 22.76 23.79 -18.48
N MET B 107 22.81 24.94 -17.83
CA MET B 107 22.82 25.05 -16.38
C MET B 107 21.63 24.32 -15.70
N TYR B 108 20.43 24.53 -16.24
CA TYR B 108 19.18 23.80 -15.89
C TYR B 108 19.29 22.28 -16.01
N ASP B 109 19.90 21.84 -17.13
CA ASP B 109 20.19 20.41 -17.35
C ASP B 109 21.19 19.74 -16.41
N HIS B 110 22.17 20.49 -15.87
CA HIS B 110 23.25 19.84 -15.10
C HIS B 110 23.46 20.28 -13.65
N LEU B 111 22.97 21.44 -13.25
CA LEU B 111 22.97 21.83 -11.81
C LEU B 111 22.34 20.85 -10.71
N GLY B 112 21.29 20.10 -11.07
CA GLY B 112 20.76 18.98 -10.25
C GLY B 112 21.04 17.64 -10.95
N LYS B 113 20.64 16.51 -10.35
CA LYS B 113 21.18 15.15 -10.68
C LYS B 113 21.58 14.65 -12.15
N ARG B 114 20.69 14.48 -13.15
CA ARG B 114 19.22 14.59 -13.18
C ARG B 114 18.83 13.28 -13.89
N THR B 115 18.28 12.33 -13.16
CA THR B 115 18.25 10.92 -13.56
C THR B 115 17.24 10.50 -14.61
N SER B 116 16.13 11.23 -14.78
CA SER B 116 15.10 10.76 -15.71
C SER B 116 14.39 11.83 -16.51
N LEU B 117 14.31 13.06 -16.02
CA LEU B 117 13.67 14.10 -16.78
C LEU B 117 14.47 14.32 -18.05
N PRO B 118 13.80 14.35 -19.23
CA PRO B 118 14.60 14.57 -20.46
C PRO B 118 15.26 15.96 -20.53
N GLY B 119 16.06 16.14 -21.59
CA GLY B 119 17.17 17.05 -21.55
C GLY B 119 17.05 18.43 -22.14
N SER B 120 16.13 18.72 -23.04
CA SER B 120 16.18 20.12 -23.57
C SER B 120 16.73 20.28 -24.98
N THR B 121 15.99 21.04 -25.78
CA THR B 121 16.07 20.98 -27.23
C THR B 121 15.70 22.36 -27.86
N GLY B 122 15.94 22.51 -29.16
CA GLY B 122 15.59 23.74 -29.85
C GLY B 122 14.36 23.39 -30.61
N LEU B 123 13.63 24.39 -31.09
CA LEU B 123 12.37 24.16 -31.79
C LEU B 123 12.28 25.19 -32.86
N ARG B 124 11.57 24.85 -33.94
CA ARG B 124 11.25 25.80 -34.97
C ARG B 124 9.70 25.73 -35.12
N PHE B 125 9.09 26.87 -35.37
CA PHE B 125 7.65 27.03 -35.40
C PHE B 125 7.28 27.45 -36.80
N GLY B 126 6.36 26.72 -37.42
CA GLY B 126 5.92 26.96 -38.78
C GLY B 126 4.66 27.77 -38.89
N ALA B 127 4.09 27.76 -40.09
CA ALA B 127 2.94 28.57 -40.42
C ALA B 127 1.71 27.98 -39.81
N ASN B 128 1.83 26.75 -39.31
CA ASN B 128 0.75 25.99 -38.79
C ASN B 128 0.87 25.89 -37.29
N SER B 129 1.88 26.51 -36.68
CA SER B 129 1.97 26.45 -35.23
C SER B 129 0.82 27.20 -34.56
N VAL B 130 0.85 27.20 -33.24
CA VAL B 130 -0.18 27.79 -32.41
C VAL B 130 0.22 29.25 -32.11
N LEU B 131 1.52 29.54 -32.33
CA LEU B 131 2.06 30.90 -32.14
C LEU B 131 1.91 31.75 -33.39
N LYS B 132 1.97 33.05 -33.23
CA LYS B 132 1.95 33.98 -34.35
C LYS B 132 3.14 33.70 -35.31
N PRO B 133 2.95 33.92 -36.63
CA PRO B 133 3.99 33.51 -37.63
C PRO B 133 5.36 34.15 -37.50
N GLU B 134 5.43 35.37 -36.97
CA GLU B 134 6.70 36.06 -36.77
C GLU B 134 7.54 35.52 -35.60
N ILE B 135 7.02 34.55 -34.84
CA ILE B 135 7.86 33.85 -33.89
C ILE B 135 8.19 32.51 -34.53
N LYS B 136 9.48 32.25 -34.74
CA LYS B 136 9.90 31.14 -35.61
C LYS B 136 10.77 30.14 -34.90
N ARG B 137 11.28 30.50 -33.74
CA ARG B 137 12.33 29.75 -33.06
C ARG B 137 11.91 29.58 -31.56
N GLY B 138 12.39 28.53 -30.89
CA GLY B 138 12.14 28.40 -29.49
C GLY B 138 12.97 27.33 -28.85
N PHE B 139 12.60 26.91 -27.64
CA PHE B 139 13.33 25.93 -26.86
C PHE B 139 12.35 25.10 -26.07
N GLU B 140 12.73 23.87 -25.71
CA GLU B 140 11.88 23.02 -24.87
C GLU B 140 12.75 22.41 -23.78
N TYR B 141 12.18 22.23 -22.57
CA TYR B 141 12.91 21.72 -21.42
C TYR B 141 11.89 21.14 -20.47
N SER B 142 12.37 20.54 -19.40
CA SER B 142 11.55 19.80 -18.47
C SER B 142 11.36 20.51 -17.11
N ASP B 143 10.25 20.21 -16.45
CA ASP B 143 9.95 20.55 -15.05
C ASP B 143 8.71 19.69 -14.73
N CYS B 144 8.06 19.93 -13.58
CA CYS B 144 6.95 19.08 -13.21
C CYS B 144 5.70 19.86 -12.81
N TRP B 145 4.55 19.22 -13.00
CA TRP B 145 3.29 19.70 -12.47
C TRP B 145 2.98 18.96 -11.19
N VAL B 146 2.52 19.67 -10.16
CA VAL B 146 2.01 19.02 -8.94
C VAL B 146 0.67 19.61 -8.55
N ASP B 147 -0.22 18.77 -8.01
CA ASP B 147 -1.49 19.19 -7.44
C ASP B 147 -1.20 19.74 -6.00
N ASP B 148 -0.89 21.03 -5.98
CA ASP B 148 -0.34 21.69 -4.79
C ASP B 148 -1.10 21.37 -3.51
N ALA B 149 -2.41 21.57 -3.55
CA ALA B 149 -3.20 21.43 -2.43
C ALA B 149 -3.22 19.98 -1.96
N ARG B 150 -3.04 19.05 -2.85
CA ARG B 150 -3.15 17.61 -2.44
C ARG B 150 -1.78 17.15 -1.97
N LEU B 151 -0.74 17.90 -2.31
CA LEU B 151 0.56 17.67 -1.77
C LEU B 151 0.58 17.98 -0.31
N VAL B 152 -0.10 19.07 0.09
CA VAL B 152 -0.24 19.41 1.45
C VAL B 152 -1.08 18.31 2.20
N LEU B 153 -2.26 17.95 1.67
CA LEU B 153 -3.10 16.90 2.19
C LEU B 153 -2.23 15.64 2.40
N ALA B 154 -1.46 15.17 1.38
CA ALA B 154 -0.61 13.95 1.57
C ALA B 154 0.35 14.03 2.77
N ASN B 155 0.85 15.25 3.02
CA ASN B 155 1.81 15.42 4.11
C ASN B 155 1.07 15.40 5.43
N ALA B 156 -0.16 15.92 5.47
CA ALA B 156 -0.97 15.88 6.70
C ALA B 156 -1.30 14.46 7.09
N GLN B 157 -1.60 13.62 6.11
CA GLN B 157 -1.84 12.20 6.28
C GLN B 157 -0.61 11.48 6.80
N MET B 158 0.55 11.84 6.29
CA MET B 158 1.82 11.38 6.77
C MET B 158 1.96 11.71 8.27
N VAL B 159 1.78 12.97 8.67
CA VAL B 159 1.66 13.28 10.10
C VAL B 159 0.87 12.22 10.95
N VAL B 160 -0.44 12.12 10.72
CA VAL B 160 -1.39 11.19 11.39
C VAL B 160 -0.96 9.71 11.36
N ARG B 161 -0.29 9.32 10.32
CA ARG B 161 0.07 7.93 10.13
C ARG B 161 1.35 7.62 10.91
N LYS B 162 2.29 8.56 10.95
CA LYS B 162 3.45 8.49 11.85
C LYS B 162 3.05 8.82 13.28
N GLY B 163 1.77 8.87 13.61
CA GLY B 163 1.36 9.00 14.98
C GLY B 163 1.07 10.39 15.48
N GLY B 164 1.21 11.43 14.64
CA GLY B 164 0.99 12.79 15.04
C GLY B 164 -0.43 13.21 14.95
N GLU B 165 -0.68 14.49 15.14
CA GLU B 165 -2.05 14.88 15.18
C GLU B 165 -2.23 16.22 14.43
N VAL B 166 -3.41 16.40 13.84
CA VAL B 166 -3.68 17.50 12.94
C VAL B 166 -5.07 17.99 13.30
N LEU B 167 -5.13 19.27 13.65
CA LEU B 167 -6.40 19.92 13.91
C LEU B 167 -6.63 20.99 12.88
N THR B 168 -7.79 21.05 12.26
CA THR B 168 -8.06 22.17 11.38
C THR B 168 -9.18 23.04 11.95
N ARG B 169 -9.50 24.17 11.29
CA ARG B 169 -10.50 25.07 11.91
C ARG B 169 -10.11 25.50 13.37
N THR B 170 -8.80 25.41 13.65
CA THR B 170 -8.23 25.68 14.93
C THR B 170 -7.08 26.76 14.78
N ARG B 171 -7.38 28.00 15.14
CA ARG B 171 -6.45 29.08 15.12
C ARG B 171 -5.72 29.22 16.47
N ALA B 172 -4.37 29.16 16.43
CA ALA B 172 -3.52 29.48 17.55
C ALA B 172 -3.63 30.96 17.83
N THR B 173 -3.87 31.28 19.09
CA THR B 173 -4.12 32.68 19.45
C THR B 173 -2.91 33.26 20.23
N SER B 174 -2.18 32.42 20.94
CA SER B 174 -0.99 32.89 21.60
C SER B 174 -0.07 31.74 21.87
N ALA B 175 1.23 32.05 21.94
CA ALA B 175 2.30 31.13 22.35
C ALA B 175 3.30 31.94 23.21
N ARG B 176 3.70 31.35 24.35
CA ARG B 176 4.57 32.03 25.33
C ARG B 176 5.42 31.00 26.04
N ARG B 177 6.70 31.33 26.33
CA ARG B 177 7.57 30.47 27.17
C ARG B 177 7.25 30.61 28.67
N GLU B 178 7.03 29.48 29.34
CA GLU B 178 6.77 29.43 30.79
C GLU B 178 7.39 28.17 31.35
N ASN B 179 8.50 28.35 32.09
CA ASN B 179 9.08 27.29 32.93
C ASN B 179 9.83 26.33 32.03
N GLY B 180 10.41 26.83 30.94
CA GLY B 180 11.12 25.95 30.01
C GLY B 180 10.28 25.30 28.91
N LEU B 181 9.01 25.63 28.86
CA LEU B 181 8.03 25.02 27.93
C LEU B 181 7.20 26.09 27.20
N TRP B 182 6.68 25.74 26.02
CA TRP B 182 5.69 26.57 25.31
C TRP B 182 4.30 26.22 25.87
N ILE B 183 3.49 27.25 26.11
CA ILE B 183 2.07 27.16 26.35
C ILE B 183 1.33 27.74 25.12
N VAL B 184 0.77 26.82 24.33
CA VAL B 184 0.11 27.20 23.11
C VAL B 184 -1.36 27.27 23.29
N GLU B 185 -1.92 28.44 23.01
CA GLU B 185 -3.35 28.58 22.98
C GLU B 185 -4.03 28.73 21.60
N ALA B 186 -5.10 27.97 21.40
CA ALA B 186 -5.81 27.88 20.12
C ALA B 186 -7.30 27.81 20.33
N GLU B 187 -8.01 27.95 19.24
CA GLU B 187 -9.41 27.97 19.40
C GLU B 187 -10.11 27.70 18.10
N ASP B 188 -11.22 26.99 18.26
CA ASP B 188 -11.95 26.44 17.19
C ASP B 188 -12.73 27.57 16.61
N ILE B 189 -12.52 27.79 15.30
CA ILE B 189 -13.07 28.99 14.67
C ILE B 189 -14.60 29.00 14.57
N ASP B 190 -15.24 27.84 14.75
CA ASP B 190 -16.71 27.76 14.64
C ASP B 190 -17.32 27.70 16.08
N THR B 191 -16.88 26.72 16.87
CA THR B 191 -17.46 26.52 18.18
C THR B 191 -16.88 27.36 19.35
N GLY B 192 -15.93 28.26 19.07
CA GLY B 192 -15.18 28.97 20.12
C GLY B 192 -14.40 28.14 21.14
N LYS B 193 -14.37 26.82 21.01
CA LYS B 193 -13.68 25.96 21.99
C LYS B 193 -12.18 26.29 22.16
N LYS B 194 -11.74 26.39 23.41
CA LYS B 194 -10.45 26.91 23.72
C LYS B 194 -9.64 25.67 23.92
N TYR B 195 -8.34 25.74 23.64
CA TYR B 195 -7.40 24.65 23.91
C TYR B 195 -6.14 25.28 24.47
N SER B 196 -5.35 24.42 25.10
CA SER B 196 -4.08 24.85 25.66
C SER B 196 -3.19 23.64 25.74
N TRP B 197 -1.97 23.77 25.26
CA TRP B 197 -1.07 22.64 25.22
C TRP B 197 0.29 23.12 25.65
N GLN B 198 1.10 22.16 26.06
CA GLN B 198 2.47 22.45 26.43
C GLN B 198 3.30 21.82 25.34
N ALA B 199 4.37 22.46 24.92
CA ALA B 199 5.23 21.72 24.04
C ALA B 199 6.67 22.12 24.33
N ARG B 200 7.61 21.26 23.96
CA ARG B 200 9.04 21.53 24.09
C ARG B 200 9.60 22.32 22.91
N GLY B 201 8.76 22.64 21.95
CA GLY B 201 9.24 23.20 20.69
C GLY B 201 8.05 23.77 19.92
N LEU B 202 8.32 24.81 19.10
CA LEU B 202 7.30 25.58 18.43
C LEU B 202 7.88 25.91 17.06
N VAL B 203 7.15 25.53 16.01
CA VAL B 203 7.32 26.00 14.59
C VAL B 203 6.23 27.07 14.22
N ASN B 204 6.72 28.22 13.80
CA ASN B 204 5.89 29.25 13.19
C ASN B 204 6.08 29.14 11.67
N ALA B 205 5.15 28.37 11.07
CA ALA B 205 5.08 28.15 9.61
C ALA B 205 3.74 28.66 9.01
N THR B 206 3.43 29.90 9.37
CA THR B 206 2.17 30.54 9.10
C THR B 206 2.19 31.41 7.80
N GLY B 207 3.23 31.21 6.98
CA GLY B 207 3.36 31.84 5.73
C GLY B 207 3.23 33.36 5.75
N PRO B 208 2.28 33.90 4.97
CA PRO B 208 2.20 35.35 4.99
C PRO B 208 1.89 36.00 6.36
N TRP B 209 1.48 35.17 7.30
CA TRP B 209 1.19 35.56 8.58
C TRP B 209 2.41 35.38 9.50
N VAL B 210 3.58 34.99 9.01
CA VAL B 210 4.70 34.63 9.96
C VAL B 210 5.08 35.81 10.94
N LYS B 211 5.09 37.03 10.42
CA LYS B 211 5.44 38.15 11.22
C LYS B 211 4.28 38.62 12.07
N GLN B 212 3.05 38.69 11.53
CA GLN B 212 1.97 39.03 12.42
C GLN B 212 1.78 38.05 13.55
N PHE B 213 2.16 36.80 13.37
CA PHE B 213 2.11 35.87 14.49
C PHE B 213 3.13 36.20 15.60
N PHE B 214 4.38 36.50 15.24
CA PHE B 214 5.35 37.12 16.18
C PHE B 214 4.75 38.34 16.86
N ASP B 215 4.22 39.27 16.08
CA ASP B 215 3.66 40.49 16.68
C ASP B 215 2.45 40.32 17.60
N ASP B 216 1.42 39.57 17.14
CA ASP B 216 0.12 39.46 17.86
C ASP B 216 0.00 38.20 18.73
N GLY B 217 0.58 37.09 18.29
CA GLY B 217 0.41 35.83 19.00
C GLY B 217 1.51 35.61 20.05
N MET B 218 2.74 36.07 19.77
CA MET B 218 3.88 35.88 20.67
C MET B 218 4.50 37.13 21.37
N HIS B 219 4.10 38.34 20.96
CA HIS B 219 4.71 39.56 21.49
C HIS B 219 6.24 39.44 21.52
N LEU B 220 6.84 38.80 20.51
CA LEU B 220 8.27 38.69 20.35
C LEU B 220 8.67 39.42 19.07
N PRO B 221 9.96 39.84 18.92
CA PRO B 221 10.34 40.41 17.60
C PRO B 221 10.70 39.36 16.52
N SER B 222 10.20 39.58 15.28
CA SER B 222 10.48 38.73 14.09
C SER B 222 11.91 38.96 13.60
N PRO B 223 12.64 37.88 13.38
CA PRO B 223 13.96 38.13 12.83
C PRO B 223 13.96 38.72 11.39
N TYR B 224 12.86 38.56 10.63
CA TYR B 224 12.83 39.06 9.26
C TYR B 224 11.54 39.76 9.01
N GLY B 225 11.57 40.72 8.08
CA GLY B 225 10.37 41.26 7.40
C GLY B 225 9.80 40.20 6.46
N ILE B 226 8.53 40.32 6.14
CA ILE B 226 7.99 39.56 5.04
C ILE B 226 7.48 40.58 3.97
N ARG B 227 7.87 40.41 2.71
CA ARG B 227 7.24 41.17 1.63
C ARG B 227 6.09 40.33 1.09
N LEU B 228 4.87 40.87 0.99
CA LEU B 228 3.75 40.06 0.42
C LEU B 228 3.56 40.44 -1.00
N ILE B 229 3.87 39.53 -1.91
CA ILE B 229 3.83 39.83 -3.33
C ILE B 229 2.73 39.03 -4.01
N LYS B 230 1.61 39.68 -4.26
CA LYS B 230 0.48 38.99 -4.86
C LYS B 230 0.82 38.46 -6.25
N GLY B 231 0.22 37.30 -6.61
CA GLY B 231 0.19 36.78 -7.97
C GLY B 231 -1.11 36.08 -8.20
N SER B 232 -1.64 36.21 -9.42
CA SER B 232 -2.98 35.79 -9.85
C SER B 232 -2.87 34.95 -11.09
N HIS B 233 -3.86 34.07 -11.35
CA HIS B 233 -3.86 33.23 -12.52
C HIS B 233 -5.23 33.40 -13.10
N ILE B 234 -5.36 33.23 -14.42
CA ILE B 234 -6.71 33.15 -15.01
C ILE B 234 -6.94 31.79 -15.64
N VAL B 235 -8.19 31.36 -15.74
CA VAL B 235 -8.39 30.01 -16.33
C VAL B 235 -9.29 30.15 -17.52
N VAL B 236 -8.88 29.57 -18.68
CA VAL B 236 -9.75 29.61 -19.84
C VAL B 236 -10.02 28.20 -20.41
N PRO B 237 -11.01 28.04 -21.28
CA PRO B 237 -10.98 26.70 -21.92
C PRO B 237 -9.64 26.53 -22.64
N ARG B 238 -9.13 25.30 -22.70
CA ARG B 238 -7.92 24.95 -23.44
C ARG B 238 -7.64 25.79 -24.67
N VAL B 239 -6.53 26.50 -24.67
CA VAL B 239 -6.17 27.40 -25.79
C VAL B 239 -5.76 26.64 -27.06
N HIS B 240 -5.36 25.39 -26.84
CA HIS B 240 -4.93 24.52 -27.89
C HIS B 240 -4.99 23.08 -27.35
N THR B 241 -4.72 22.13 -28.22
CA THR B 241 -4.72 20.73 -27.93
C THR B 241 -3.38 20.13 -27.49
N GLN B 242 -2.32 20.94 -27.46
CA GLN B 242 -0.97 20.42 -27.17
C GLN B 242 -0.78 20.00 -25.69
N LYS B 243 0.08 19.03 -25.42
CA LYS B 243 0.43 18.58 -24.07
C LYS B 243 1.42 19.52 -23.38
N GLN B 244 2.10 20.33 -24.19
CA GLN B 244 3.20 21.20 -23.71
C GLN B 244 2.72 22.47 -22.99
N ALA B 245 3.46 22.86 -21.93
CA ALA B 245 3.31 24.25 -21.42
C ALA B 245 4.14 25.18 -22.30
N TYR B 246 3.79 26.46 -22.30
CA TYR B 246 4.57 27.53 -22.90
C TYR B 246 5.00 28.45 -21.77
N ILE B 247 6.23 28.95 -21.85
CA ILE B 247 6.74 29.96 -20.93
C ILE B 247 7.09 31.15 -21.74
N LEU B 248 6.33 32.24 -21.57
CA LEU B 248 6.43 33.44 -22.41
C LEU B 248 7.23 34.58 -21.79
N GLN B 249 8.13 35.14 -22.58
CA GLN B 249 9.03 36.21 -22.16
C GLN B 249 8.26 37.48 -22.42
N ASN B 250 8.04 38.30 -21.40
CA ASN B 250 7.28 39.52 -21.51
C ASN B 250 8.26 40.72 -21.59
N GLU B 251 7.76 41.88 -22.03
CA GLU B 251 8.51 43.12 -22.17
C GLU B 251 9.12 43.62 -20.88
N ASP B 252 8.52 43.30 -19.72
CA ASP B 252 9.02 43.81 -18.47
C ASP B 252 10.13 42.86 -17.89
N LYS B 253 10.52 41.82 -18.65
CA LYS B 253 11.49 40.77 -18.22
C LYS B 253 10.98 39.67 -17.32
N ARG B 254 9.69 39.69 -17.03
CA ARG B 254 9.06 38.55 -16.37
C ARG B 254 8.70 37.48 -17.39
N ILE B 255 8.53 36.25 -16.92
CA ILE B 255 8.02 35.17 -17.77
C ILE B 255 6.55 34.84 -17.33
N VAL B 256 5.73 34.40 -18.25
CA VAL B 256 4.38 34.04 -17.95
C VAL B 256 4.04 32.63 -18.54
N PHE B 257 3.47 31.76 -17.72
CA PHE B 257 3.05 30.44 -18.17
C PHE B 257 1.65 30.35 -18.74
N VAL B 258 1.51 29.41 -19.68
CA VAL B 258 0.26 28.93 -20.26
C VAL B 258 0.44 27.42 -20.07
N ILE B 259 -0.34 26.83 -19.17
CA ILE B 259 -0.15 25.48 -18.64
C ILE B 259 -1.45 24.76 -18.89
N PRO B 260 -1.41 23.57 -19.57
CA PRO B 260 -2.64 22.73 -19.78
C PRO B 260 -3.11 22.26 -18.45
N TRP B 261 -4.43 22.30 -18.22
CA TRP B 261 -4.98 21.96 -16.92
C TRP B 261 -6.17 21.02 -16.99
N MET B 262 -6.02 19.85 -16.33
CA MET B 262 -7.11 18.91 -16.19
C MET B 262 -7.75 18.58 -17.57
N ASP B 263 -6.93 18.49 -18.64
CA ASP B 263 -7.31 18.16 -20.03
C ASP B 263 -8.35 19.06 -20.70
N GLU B 264 -8.96 20.02 -20.04
CA GLU B 264 -10.00 20.91 -20.68
C GLU B 264 -9.66 22.40 -20.57
N PHE B 265 -8.60 22.73 -19.85
CA PHE B 265 -8.30 24.13 -19.52
C PHE B 265 -6.82 24.50 -19.72
N SER B 266 -6.63 25.79 -19.80
CA SER B 266 -5.31 26.37 -19.63
C SER B 266 -5.32 27.30 -18.43
N ILE B 267 -4.27 27.28 -17.64
CA ILE B 267 -4.02 28.28 -16.61
C ILE B 267 -2.99 29.27 -17.19
N ILE B 268 -3.29 30.56 -17.15
CA ILE B 268 -2.31 31.61 -17.48
C ILE B 268 -1.98 32.38 -16.25
N GLY B 269 -0.69 32.43 -15.91
CA GLY B 269 -0.20 33.04 -14.70
C GLY B 269 1.29 33.19 -14.93
N THR B 270 1.96 34.09 -14.21
CA THR B 270 1.38 34.81 -13.09
C THR B 270 1.89 36.27 -13.06
N THR B 271 1.69 36.92 -11.92
CA THR B 271 1.96 38.37 -11.71
C THR B 271 2.82 38.59 -10.44
N ASP B 272 3.32 39.80 -10.26
CA ASP B 272 4.08 40.27 -9.06
C ASP B 272 3.61 41.62 -8.63
N VAL B 273 2.66 41.72 -7.72
CA VAL B 273 2.15 42.99 -7.31
C VAL B 273 2.34 43.13 -5.80
N GLU B 274 3.02 44.18 -5.35
CA GLU B 274 3.28 44.35 -3.91
C GLU B 274 1.94 44.44 -3.17
N TYR B 275 1.82 43.86 -1.99
CA TYR B 275 0.50 43.75 -1.40
C TYR B 275 0.52 44.06 0.12
N LYS B 276 -0.49 44.76 0.62
CA LYS B 276 -0.58 45.06 2.05
C LYS B 276 -1.99 44.80 2.41
N GLY B 277 -2.22 44.20 3.57
CA GLY B 277 -3.59 44.01 3.94
C GLY B 277 -3.72 42.58 4.22
N ASP B 278 -4.96 42.09 4.24
CA ASP B 278 -5.22 40.74 4.71
C ASP B 278 -4.96 39.69 3.59
N PRO B 279 -4.02 38.72 3.83
CA PRO B 279 -3.73 37.67 2.84
C PRO B 279 -4.94 36.86 2.41
N LYS B 280 -6.00 36.97 3.22
CA LYS B 280 -7.19 36.20 3.03
C LYS B 280 -8.15 36.87 2.03
N ALA B 281 -8.11 38.19 1.95
CA ALA B 281 -8.90 39.02 1.03
C ALA B 281 -8.30 39.13 -0.40
N VAL B 282 -7.17 38.48 -0.68
CA VAL B 282 -6.44 38.67 -1.96
C VAL B 282 -7.30 38.25 -3.17
N LYS B 283 -7.37 39.10 -4.20
CA LYS B 283 -8.04 38.73 -5.47
C LYS B 283 -7.57 39.46 -6.69
N ILE B 284 -7.75 38.85 -7.86
CA ILE B 284 -7.18 39.41 -9.08
C ILE B 284 -7.72 40.84 -9.35
N GLU B 285 -6.88 41.75 -9.87
CA GLU B 285 -7.34 43.10 -10.35
C GLU B 285 -7.38 43.12 -11.90
N GLU B 286 -8.08 44.14 -12.39
CA GLU B 286 -8.26 44.38 -13.81
C GLU B 286 -6.88 44.39 -14.47
N SER B 287 -5.87 45.08 -13.90
CA SER B 287 -4.59 45.19 -14.69
C SER B 287 -3.86 43.89 -14.77
N GLU B 288 -4.14 43.01 -13.82
CA GLU B 288 -3.55 41.68 -13.84
C GLU B 288 -4.18 40.86 -14.99
N ILE B 289 -5.49 40.93 -15.11
CA ILE B 289 -6.19 40.34 -16.18
C ILE B 289 -5.68 40.89 -17.53
N ASN B 290 -5.67 42.23 -17.71
CA ASN B 290 -5.19 42.90 -18.91
C ASN B 290 -3.72 42.51 -19.18
N TYR B 291 -2.91 42.50 -18.15
CA TYR B 291 -1.53 42.05 -18.28
C TYR B 291 -1.32 40.61 -18.78
N LEU B 292 -2.02 39.67 -18.17
CA LEU B 292 -1.86 38.22 -18.57
C LEU B 292 -2.37 37.89 -19.95
N LEU B 293 -3.51 38.46 -20.29
CA LEU B 293 -4.08 38.32 -21.65
C LEU B 293 -3.24 38.97 -22.71
N ASN B 294 -2.70 40.12 -22.40
CA ASN B 294 -1.73 40.69 -23.31
C ASN B 294 -0.52 39.79 -23.71
N VAL B 295 0.26 39.29 -22.77
CA VAL B 295 1.43 38.46 -23.12
C VAL B 295 1.02 37.14 -23.84
N TYR B 296 -0.13 36.56 -23.44
CA TYR B 296 -0.78 35.49 -24.21
C TYR B 296 -1.14 35.90 -25.67
N ASN B 297 -1.87 37.00 -25.83
CA ASN B 297 -2.35 37.45 -27.10
C ASN B 297 -1.26 37.96 -28.10
N THR B 298 -0.15 38.42 -27.53
CA THR B 298 1.09 38.84 -28.24
C THR B 298 1.74 37.63 -28.84
N HIS B 299 1.64 36.50 -28.15
CA HIS B 299 2.27 35.29 -28.61
C HIS B 299 1.51 34.35 -29.48
N PHE B 300 0.20 34.19 -29.20
CA PHE B 300 -0.61 33.12 -29.80
C PHE B 300 -1.53 33.66 -30.86
N LYS B 301 -1.80 32.86 -31.90
CA LYS B 301 -2.71 33.27 -32.98
C LYS B 301 -4.14 33.26 -32.46
N LYS B 302 -4.53 32.21 -31.71
CA LYS B 302 -5.88 32.17 -31.17
C LYS B 302 -6.00 33.19 -30.01
N GLN B 303 -6.81 34.23 -30.22
CA GLN B 303 -6.95 35.36 -29.31
C GLN B 303 -7.99 35.02 -28.22
N LEU B 304 -7.75 35.54 -27.00
CA LEU B 304 -8.62 35.40 -25.84
C LEU B 304 -9.15 36.77 -25.52
N SER B 305 -10.42 36.86 -25.15
CA SER B 305 -10.84 38.01 -24.38
C SER B 305 -11.13 37.67 -22.91
N ARG B 306 -11.42 38.65 -22.13
CA ARG B 306 -11.84 38.47 -20.75
C ARG B 306 -13.12 37.59 -20.55
N ASP B 307 -13.97 37.58 -21.56
CA ASP B 307 -15.21 36.84 -21.59
C ASP B 307 -15.04 35.36 -21.56
N ASP B 308 -13.87 34.94 -22.07
CA ASP B 308 -13.39 33.56 -22.16
C ASP B 308 -12.93 32.99 -20.84
N ILE B 309 -12.62 33.84 -19.89
CA ILE B 309 -12.16 33.46 -18.54
C ILE B 309 -13.24 32.74 -17.78
N VAL B 310 -12.92 31.52 -17.36
CA VAL B 310 -13.90 30.71 -16.58
C VAL B 310 -13.65 30.76 -15.08
N TRP B 311 -12.41 31.13 -14.67
CA TRP B 311 -12.08 31.09 -13.28
C TRP B 311 -10.83 31.85 -13.03
N THR B 312 -10.63 32.31 -11.79
CA THR B 312 -9.39 32.97 -11.45
C THR B 312 -9.09 32.65 -10.03
N TYR B 313 -7.82 32.71 -9.65
CA TYR B 313 -7.42 32.62 -8.29
C TYR B 313 -6.23 33.52 -8.05
N SER B 314 -5.98 33.82 -6.77
CA SER B 314 -4.94 34.74 -6.34
C SER B 314 -4.33 34.32 -5.00
N GLY B 315 -3.08 34.70 -4.75
CA GLY B 315 -2.41 34.34 -3.52
C GLY B 315 -1.32 35.37 -3.30
N VAL B 316 -0.83 35.48 -2.08
CA VAL B 316 0.40 36.30 -1.78
C VAL B 316 1.64 35.46 -1.45
N ARG B 317 2.67 35.65 -2.23
CA ARG B 317 3.97 35.06 -1.86
C ARG B 317 4.51 35.67 -0.55
N PRO B 318 4.74 34.87 0.49
CA PRO B 318 5.36 35.41 1.71
C PRO B 318 6.87 35.32 1.54
N LEU B 319 7.47 36.33 0.92
CA LEU B 319 8.89 36.27 0.58
C LEU B 319 9.78 36.95 1.61
N CYS B 320 10.95 36.36 1.85
CA CYS B 320 11.92 36.94 2.76
C CYS B 320 12.39 38.28 2.16
N ASP B 321 12.06 39.33 2.87
CA ASP B 321 12.36 40.70 2.49
C ASP B 321 13.91 40.96 2.36
N ASP B 322 14.47 40.64 1.20
CA ASP B 322 15.88 40.95 0.92
C ASP B 322 16.01 42.45 0.54
N GLU B 323 14.94 43.22 0.83
CA GLU B 323 14.87 44.70 0.62
C GLU B 323 14.94 45.12 -0.84
N SER B 324 14.54 44.19 -1.72
CA SER B 324 14.83 44.30 -3.14
C SER B 324 14.39 45.59 -3.83
N ASP B 325 13.08 45.84 -3.92
CA ASP B 325 12.66 47.00 -4.72
C ASP B 325 11.73 46.59 -5.86
N SER B 326 12.27 45.78 -6.76
CA SER B 326 11.48 45.17 -7.81
C SER B 326 10.90 43.82 -7.34
N PRO B 327 9.54 43.74 -7.16
CA PRO B 327 8.91 42.50 -6.70
C PRO B 327 9.32 41.23 -7.44
N GLN B 328 9.49 41.30 -8.76
CA GLN B 328 9.99 40.15 -9.52
C GLN B 328 11.44 39.75 -9.19
N ALA B 329 12.19 40.65 -8.57
CA ALA B 329 13.60 40.38 -8.22
C ALA B 329 13.81 39.85 -6.80
N ILE B 330 12.81 39.91 -5.91
CA ILE B 330 13.00 39.42 -4.53
C ILE B 330 13.33 37.93 -4.62
N THR B 331 14.27 37.51 -3.78
CA THR B 331 14.61 36.07 -3.68
C THR B 331 13.38 35.23 -3.32
N ARG B 332 13.29 34.08 -3.97
CA ARG B 332 12.29 33.09 -3.65
C ARG B 332 12.86 32.06 -2.68
N ASP B 333 14.15 32.17 -2.38
CA ASP B 333 14.76 31.23 -1.45
C ASP B 333 14.16 31.42 -0.05
N TYR B 334 14.17 30.38 0.76
CA TYR B 334 13.74 30.54 2.14
C TYR B 334 14.84 30.78 3.23
N THR B 335 14.40 31.26 4.38
CA THR B 335 15.26 31.45 5.49
C THR B 335 14.52 30.83 6.71
N LEU B 336 15.25 30.02 7.47
CA LEU B 336 14.76 29.47 8.74
C LEU B 336 15.51 30.14 9.86
N ASP B 337 14.81 30.49 10.92
CA ASP B 337 15.41 31.06 12.07
C ASP B 337 15.09 30.20 13.28
N ILE B 338 16.11 29.76 14.02
CA ILE B 338 15.89 29.03 15.27
C ILE B 338 16.38 29.83 16.51
N HIS B 339 15.56 29.97 17.54
CA HIS B 339 15.95 30.69 18.74
C HIS B 339 15.40 30.01 19.99
N ASP B 340 16.28 29.78 20.99
CA ASP B 340 15.83 29.31 22.34
C ASP B 340 15.98 30.37 23.45
N GLU B 341 15.70 29.90 24.65
CA GLU B 341 15.68 30.72 25.84
C GLU B 341 16.21 29.86 26.95
N ASN B 342 17.43 30.14 27.40
CA ASN B 342 18.12 29.25 28.38
C ASN B 342 18.31 27.79 27.83
N GLY B 343 18.65 27.70 26.52
CA GLY B 343 18.86 26.41 25.76
C GLY B 343 17.64 25.48 25.63
N LYS B 344 16.48 25.93 26.15
CA LYS B 344 15.19 25.27 26.01
C LYS B 344 14.10 26.10 25.24
N ALA B 345 12.97 25.46 24.91
CA ALA B 345 11.85 26.04 24.16
C ALA B 345 12.32 26.73 22.84
N PRO B 346 12.86 25.91 21.90
CA PRO B 346 13.26 26.55 20.66
C PRO B 346 12.01 27.03 19.87
N LEU B 347 12.20 28.14 19.16
CA LEU B 347 11.23 28.66 18.19
C LEU B 347 11.86 28.55 16.80
N LEU B 348 11.27 27.71 15.96
CA LEU B 348 11.69 27.60 14.56
C LEU B 348 10.69 28.32 13.66
N SER B 349 11.14 29.39 13.01
CA SER B 349 10.28 30.19 12.16
C SER B 349 10.67 30.16 10.71
N VAL B 350 9.66 30.26 9.85
CA VAL B 350 9.87 30.05 8.43
C VAL B 350 9.52 31.27 7.55
N PHE B 351 10.42 31.66 6.63
CA PHE B 351 10.30 32.87 5.87
C PHE B 351 10.59 32.40 4.50
N GLY B 352 9.68 32.65 3.55
CA GLY B 352 9.83 32.14 2.19
C GLY B 352 9.53 30.63 2.05
N GLY B 353 9.89 30.08 0.89
CA GLY B 353 9.75 28.61 0.77
C GLY B 353 8.69 28.17 -0.23
N LYS B 354 9.14 28.06 -1.49
CA LYS B 354 8.44 27.48 -2.60
C LYS B 354 7.85 26.09 -2.24
N LEU B 355 6.86 25.63 -2.98
CA LEU B 355 6.37 24.26 -2.80
C LEU B 355 7.39 23.22 -3.29
N THR B 356 8.26 23.65 -4.21
CA THR B 356 9.31 22.83 -4.82
C THR B 356 10.38 22.30 -3.81
N THR B 357 10.75 23.20 -2.89
CA THR B 357 11.84 23.02 -1.97
C THR B 357 11.34 22.68 -0.54
N TYR B 358 10.04 22.40 -0.36
CA TYR B 358 9.43 22.21 1.01
C TYR B 358 10.05 21.04 1.79
N ARG B 359 10.49 20.03 1.06
CA ARG B 359 10.96 18.81 1.68
C ARG B 359 12.37 19.03 2.28
N LYS B 360 13.16 19.70 1.51
CA LYS B 360 14.49 20.14 1.91
C LYS B 360 14.37 21.11 3.04
N LEU B 361 13.52 22.14 2.84
CA LEU B 361 13.16 23.05 3.91
C LEU B 361 12.83 22.27 5.21
N ALA B 362 11.98 21.26 5.10
CA ALA B 362 11.58 20.52 6.28
C ALA B 362 12.75 19.76 6.97
N GLU B 363 13.74 19.32 6.17
CA GLU B 363 14.89 18.57 6.68
C GLU B 363 15.77 19.55 7.44
N HIS B 364 16.13 20.66 6.78
CA HIS B 364 16.92 21.69 7.38
C HIS B 364 16.27 22.06 8.74
N ALA B 365 14.93 22.13 8.79
CA ALA B 365 14.28 22.62 10.01
C ALA B 365 14.41 21.64 11.17
N LEU B 366 14.37 20.36 10.81
CA LEU B 366 14.45 19.32 11.81
C LEU B 366 15.87 19.14 12.28
N GLU B 367 16.83 19.32 11.38
CA GLU B 367 18.23 19.47 11.66
C GLU B 367 18.55 20.54 12.75
N LYS B 368 18.09 21.79 12.57
CA LYS B 368 18.22 22.86 13.58
C LYS B 368 17.47 22.59 14.89
N LEU B 369 16.40 21.80 14.85
CA LEU B 369 15.71 21.42 16.10
C LEU B 369 16.30 20.15 16.76
N THR B 370 17.25 19.51 16.07
CA THR B 370 17.84 18.25 16.60
C THR B 370 18.44 18.34 18.05
N PRO B 371 19.49 19.18 18.25
CA PRO B 371 20.01 19.32 19.64
C PRO B 371 18.96 19.25 20.79
N TYR B 372 17.71 19.61 20.52
CA TYR B 372 16.71 19.79 21.63
C TYR B 372 15.93 18.55 21.90
N TYR B 373 16.16 17.56 21.01
CA TYR B 373 15.46 16.26 21.12
C TYR B 373 16.46 15.10 21.13
N GLN B 374 16.62 14.53 22.32
CA GLN B 374 17.60 13.47 22.60
C GLN B 374 17.00 12.19 22.04
N GLY B 375 17.73 11.57 21.13
CA GLY B 375 17.27 10.29 20.53
C GLY B 375 16.25 10.46 19.40
N ILE B 376 16.21 11.68 18.87
CA ILE B 376 15.43 12.02 17.69
C ILE B 376 15.94 11.12 16.56
N GLY B 377 15.00 10.53 15.79
CA GLY B 377 15.39 9.74 14.61
C GLY B 377 16.12 10.62 13.61
N PRO B 378 16.78 9.99 12.61
CA PRO B 378 17.50 10.76 11.61
C PRO B 378 16.58 11.14 10.39
N ALA B 379 17.17 11.81 9.39
CA ALA B 379 16.49 12.20 8.18
C ALA B 379 15.98 10.91 7.49
N TRP B 380 14.87 10.99 6.74
CA TRP B 380 14.23 9.81 6.14
C TRP B 380 13.31 10.09 4.94
N THR B 381 12.94 11.35 4.64
CA THR B 381 11.82 11.62 3.70
C THR B 381 12.21 11.46 2.23
N LYS B 382 13.52 11.59 1.96
CA LYS B 382 14.03 11.40 0.60
C LYS B 382 13.59 10.03 0.07
N GLU B 383 13.61 8.99 0.92
CA GLU B 383 13.33 7.65 0.47
C GLU B 383 11.89 7.24 0.75
N SER B 384 11.06 8.16 1.20
CA SER B 384 9.71 7.82 1.59
C SER B 384 8.73 7.95 0.43
N VAL B 385 7.53 7.46 0.63
CA VAL B 385 6.46 7.54 -0.40
C VAL B 385 5.27 8.06 0.35
N LEU B 386 4.66 9.18 -0.11
CA LEU B 386 3.54 9.84 0.64
C LEU B 386 2.22 9.03 0.47
N PRO B 387 1.32 9.09 1.45
CA PRO B 387 0.05 8.39 1.29
C PRO B 387 -0.63 8.72 -0.07
N GLY B 388 -1.01 7.70 -0.84
CA GLY B 388 -1.55 7.88 -2.16
C GLY B 388 -0.52 7.56 -3.19
N GLY B 389 0.77 7.63 -2.82
CA GLY B 389 1.86 7.51 -3.79
C GLY B 389 2.12 6.05 -4.16
N ALA B 390 1.58 5.11 -3.41
CA ALA B 390 2.03 3.71 -3.55
C ALA B 390 1.38 3.03 -4.76
N ILE B 391 1.64 3.53 -5.96
CA ILE B 391 0.92 3.06 -7.11
C ILE B 391 1.85 2.38 -8.14
N GLU B 392 3.18 2.59 -8.01
CA GLU B 392 4.22 2.63 -9.14
C GLU B 392 3.83 2.62 -10.71
N GLY B 393 3.61 3.82 -11.34
CA GLY B 393 3.05 3.94 -12.74
C GLY B 393 2.14 5.08 -13.27
N ASP B 394 0.84 5.14 -12.85
CA ASP B 394 -0.04 6.34 -13.09
C ASP B 394 -0.36 6.64 -14.59
N ARG B 395 -1.19 7.69 -14.80
CA ARG B 395 -1.35 8.48 -16.09
C ARG B 395 -2.01 7.60 -17.16
N ASP B 396 -2.05 6.34 -16.78
CA ASP B 396 -2.51 5.26 -17.60
C ASP B 396 -2.61 4.15 -16.54
N ASP B 397 -1.46 3.77 -15.95
CA ASP B 397 -1.29 2.42 -15.40
C ASP B 397 -2.15 2.18 -14.22
N TYR B 398 -2.05 3.05 -13.22
CA TYR B 398 -2.86 2.84 -12.04
C TYR B 398 -4.35 2.88 -12.29
N ALA B 399 -4.81 3.86 -13.10
CA ALA B 399 -6.23 4.02 -13.45
C ALA B 399 -6.73 2.83 -14.28
N ALA B 400 -5.88 2.28 -15.15
CA ALA B 400 -6.27 1.10 -15.94
C ALA B 400 -6.35 -0.16 -14.97
N ARG B 401 -5.27 -0.43 -14.23
CA ARG B 401 -5.29 -1.40 -13.13
C ARG B 401 -6.53 -1.25 -12.21
N LEU B 402 -6.92 -0.02 -11.91
CA LEU B 402 -8.05 0.26 -11.01
C LEU B 402 -9.35 -0.06 -11.71
N ARG B 403 -9.37 0.13 -13.02
CA ARG B 403 -10.55 -0.26 -13.73
C ARG B 403 -10.59 -1.81 -13.97
N ARG B 404 -9.45 -2.50 -13.98
CA ARG B 404 -9.50 -3.98 -14.03
C ARG B 404 -10.10 -4.40 -12.73
N ARG B 405 -9.47 -4.06 -11.61
CA ARG B 405 -10.06 -4.39 -10.29
C ARG B 405 -11.54 -3.96 -10.09
N TYR B 406 -11.95 -2.76 -10.49
CA TYR B 406 -13.29 -2.23 -10.19
C TYR B 406 -14.06 -1.91 -11.45
N PRO B 407 -14.63 -2.94 -12.13
CA PRO B 407 -15.01 -2.74 -13.55
C PRO B 407 -16.22 -1.84 -13.78
N PHE B 408 -16.98 -1.54 -12.73
CA PHE B 408 -18.08 -0.58 -12.86
C PHE B 408 -17.58 0.91 -12.99
N LEU B 409 -16.27 1.14 -12.92
CA LEU B 409 -15.76 2.52 -13.06
C LEU B 409 -15.64 2.91 -14.51
N THR B 410 -16.25 4.04 -14.88
CA THR B 410 -15.97 4.64 -16.18
C THR B 410 -14.48 5.00 -16.26
N GLU B 411 -13.99 5.22 -17.47
CA GLU B 411 -12.62 5.61 -17.73
C GLU B 411 -12.31 6.95 -17.02
N SER B 412 -13.27 7.87 -16.97
CA SER B 412 -12.92 9.22 -16.45
C SER B 412 -12.88 9.21 -14.86
N LEU B 413 -13.87 8.58 -14.25
CA LEU B 413 -13.87 8.28 -12.87
C LEU B 413 -12.65 7.47 -12.45
N ALA B 414 -12.28 6.43 -13.18
CA ALA B 414 -11.07 5.69 -12.84
C ALA B 414 -9.86 6.63 -12.83
N ARG B 415 -9.79 7.48 -13.85
CA ARG B 415 -8.77 8.48 -14.05
C ARG B 415 -8.76 9.56 -12.94
N HIS B 416 -9.94 10.04 -12.53
CA HIS B 416 -10.03 11.01 -11.47
C HIS B 416 -9.53 10.42 -10.18
N TYR B 417 -9.98 9.20 -9.82
CA TYR B 417 -9.51 8.58 -8.58
C TYR B 417 -8.05 8.36 -8.55
N ALA B 418 -7.49 7.88 -9.65
CA ALA B 418 -6.07 7.56 -9.73
C ALA B 418 -5.15 8.81 -9.61
N ARG B 419 -5.63 9.91 -10.18
CA ARG B 419 -4.83 11.13 -10.29
C ARG B 419 -5.04 12.01 -9.05
N THR B 420 -6.07 11.66 -8.26
CA THR B 420 -6.42 12.29 -7.00
C THR B 420 -6.08 11.47 -5.75
N TYR B 421 -6.76 10.35 -5.55
CA TYR B 421 -6.50 9.47 -4.37
C TYR B 421 -5.27 8.52 -4.45
N GLY B 422 -4.88 8.19 -5.67
CA GLY B 422 -3.79 7.24 -5.87
C GLY B 422 -4.13 5.92 -5.17
N SER B 423 -3.08 5.32 -4.59
CA SER B 423 -3.25 4.19 -3.71
C SER B 423 -4.28 4.32 -2.54
N ASN B 424 -4.82 5.49 -2.20
CA ASN B 424 -5.98 5.53 -1.28
C ASN B 424 -7.34 5.24 -1.95
N SER B 425 -7.36 4.97 -3.26
CA SER B 425 -8.70 4.76 -3.91
C SER B 425 -9.49 3.57 -3.31
N GLU B 426 -8.78 2.47 -3.00
CA GLU B 426 -9.43 1.22 -2.51
C GLU B 426 -10.07 1.51 -1.17
N LEU B 427 -9.45 2.38 -0.38
CA LEU B 427 -10.12 2.88 0.84
C LEU B 427 -11.38 3.73 0.62
N LEU B 428 -11.40 4.55 -0.41
CA LEU B 428 -12.60 5.34 -0.79
C LEU B 428 -13.73 4.42 -1.26
N LEU B 429 -13.38 3.49 -2.13
CA LEU B 429 -14.34 2.60 -2.74
C LEU B 429 -14.84 1.54 -1.76
N GLY B 430 -13.98 1.12 -0.82
CA GLY B 430 -14.38 0.28 0.31
C GLY B 430 -15.03 -0.99 -0.26
N ASN B 431 -16.24 -1.30 0.21
CA ASN B 431 -16.97 -2.45 -0.40
C ASN B 431 -17.95 -2.19 -1.56
N ALA B 432 -17.93 -0.99 -2.20
CA ALA B 432 -18.70 -0.72 -3.48
C ALA B 432 -18.42 -1.83 -4.52
N GLY B 433 -19.43 -2.30 -5.25
CA GLY B 433 -19.22 -3.24 -6.35
C GLY B 433 -20.01 -2.83 -7.59
N THR B 434 -20.89 -1.85 -7.43
CA THR B 434 -21.57 -1.23 -8.57
C THR B 434 -21.48 0.32 -8.49
N VAL B 435 -21.74 1.02 -9.61
CA VAL B 435 -22.04 2.49 -9.61
C VAL B 435 -22.96 2.91 -8.49
N SER B 436 -24.03 2.17 -8.31
CA SER B 436 -25.11 2.57 -7.41
C SER B 436 -24.68 2.54 -5.90
N ASP B 437 -23.69 1.69 -5.59
CA ASP B 437 -23.03 1.63 -4.28
C ASP B 437 -22.21 2.90 -3.95
N LEU B 438 -21.94 3.75 -4.96
CA LEU B 438 -21.26 5.07 -4.77
C LEU B 438 -22.20 6.12 -4.11
N GLY B 439 -23.53 5.92 -4.13
CA GLY B 439 -24.45 6.80 -3.41
C GLY B 439 -24.81 8.01 -4.26
N GLU B 440 -25.36 9.04 -3.62
CA GLU B 440 -25.81 10.23 -4.29
C GLU B 440 -24.82 10.77 -5.34
N ASP B 441 -25.35 11.17 -6.50
CA ASP B 441 -24.54 11.71 -7.57
C ASP B 441 -24.69 13.19 -7.36
N PHE B 442 -23.55 13.85 -7.09
CA PHE B 442 -23.54 15.31 -6.89
C PHE B 442 -23.37 16.11 -8.16
N GLY B 443 -22.90 15.46 -9.23
CA GLY B 443 -22.68 16.08 -10.48
C GLY B 443 -21.28 15.73 -10.91
N HIS B 444 -21.08 15.54 -12.20
CA HIS B 444 -19.71 15.34 -12.79
C HIS B 444 -18.98 14.19 -12.09
N GLU B 445 -19.75 13.11 -11.81
CA GLU B 445 -19.28 11.88 -11.12
C GLU B 445 -18.59 12.11 -9.78
N PHE B 446 -19.13 13.08 -9.05
CA PHE B 446 -18.67 13.39 -7.74
C PHE B 446 -19.70 12.74 -6.84
N TYR B 447 -19.42 11.54 -6.37
CA TYR B 447 -20.45 10.77 -5.64
C TYR B 447 -20.23 10.85 -4.13
N GLU B 448 -21.30 10.63 -3.38
CA GLU B 448 -21.29 10.53 -1.92
C GLU B 448 -20.10 9.74 -1.28
N ALA B 449 -19.67 8.67 -1.92
CA ALA B 449 -18.60 7.81 -1.47
C ALA B 449 -17.27 8.58 -1.53
N GLU B 450 -17.11 9.42 -2.56
CA GLU B 450 -15.99 10.39 -2.60
C GLU B 450 -16.10 11.41 -1.46
N LEU B 451 -17.19 12.17 -1.42
CA LEU B 451 -17.40 13.14 -0.38
C LEU B 451 -17.26 12.60 1.07
N LYS B 452 -17.82 11.41 1.31
CA LYS B 452 -17.70 10.73 2.63
C LYS B 452 -16.25 10.45 2.95
N TYR B 453 -15.57 9.85 1.99
CA TYR B 453 -14.15 9.60 2.15
C TYR B 453 -13.36 10.90 2.46
N LEU B 454 -13.71 11.99 1.80
CA LEU B 454 -13.03 13.27 2.09
C LEU B 454 -13.17 13.74 3.53
N VAL B 455 -14.39 13.63 4.07
CA VAL B 455 -14.66 14.00 5.42
C VAL B 455 -13.92 13.09 6.42
N ASP B 456 -13.92 11.79 6.15
CA ASP B 456 -13.39 10.79 7.09
C ASP B 456 -11.87 10.72 7.09
N HIS B 457 -11.26 10.97 5.91
CA HIS B 457 -9.83 10.81 5.77
C HIS B 457 -9.01 11.97 5.32
N GLU B 458 -9.69 13.06 4.89
CA GLU B 458 -9.04 14.25 4.28
C GLU B 458 -9.36 15.61 4.87
N TRP B 459 -10.00 15.60 6.04
CA TRP B 459 -10.37 16.77 6.88
C TRP B 459 -11.41 17.71 6.30
N VAL B 460 -12.22 17.27 5.33
CA VAL B 460 -13.14 18.22 4.71
C VAL B 460 -14.17 18.57 5.79
N ARG B 461 -14.55 19.84 5.85
CA ARG B 461 -15.59 20.30 6.75
C ARG B 461 -16.56 21.22 6.02
N ARG B 462 -16.07 21.84 4.95
CA ARG B 462 -16.87 22.76 4.09
C ARG B 462 -16.79 22.37 2.61
N ALA B 463 -17.82 22.76 1.83
CA ALA B 463 -17.89 22.42 0.36
C ALA B 463 -16.62 22.81 -0.40
N ASP B 464 -16.13 24.03 -0.20
CA ASP B 464 -14.89 24.44 -0.84
C ASP B 464 -13.68 23.55 -0.51
N ASP B 465 -13.54 23.07 0.74
CA ASP B 465 -12.41 22.15 1.05
C ASP B 465 -12.45 21.03 0.01
N ALA B 466 -13.66 20.50 -0.26
CA ALA B 466 -13.88 19.34 -1.14
C ALA B 466 -13.75 19.67 -2.61
N LEU B 467 -14.30 20.83 -3.00
CA LEU B 467 -14.51 21.15 -4.38
C LEU B 467 -13.39 22.00 -4.96
N TRP B 468 -12.61 22.65 -4.11
CA TRP B 468 -11.58 23.56 -4.59
C TRP B 468 -10.17 23.26 -4.13
N ARG B 469 -10.00 22.41 -3.12
CA ARG B 469 -8.70 22.10 -2.50
C ARG B 469 -8.42 20.61 -2.63
N ARG B 470 -9.26 19.75 -2.03
CA ARG B 470 -9.03 18.30 -2.20
C ARG B 470 -9.30 17.83 -3.62
N THR B 471 -10.21 18.55 -4.34
CA THR B 471 -10.43 18.33 -5.81
C THR B 471 -10.62 19.69 -6.46
N LYS B 472 -10.74 19.71 -7.79
CA LYS B 472 -11.18 20.93 -8.51
C LYS B 472 -12.55 20.70 -9.18
N GLN B 473 -13.36 19.83 -8.58
CA GLN B 473 -14.79 19.62 -9.01
C GLN B 473 -15.60 20.90 -9.04
N GLY B 474 -15.24 21.88 -8.18
CA GLY B 474 -15.92 23.16 -8.30
C GLY B 474 -15.80 23.76 -9.70
N MET B 475 -14.87 23.29 -10.53
CA MET B 475 -14.85 23.73 -11.97
C MET B 475 -16.03 23.30 -12.84
N TRP B 476 -16.78 22.26 -12.41
CA TRP B 476 -17.93 21.81 -13.13
C TRP B 476 -19.27 21.85 -12.34
N LEU B 477 -19.30 21.76 -11.03
CA LEU B 477 -20.60 21.74 -10.35
C LEU B 477 -21.23 23.13 -10.49
N ASN B 478 -22.53 23.21 -10.75
CA ASN B 478 -23.23 24.50 -10.75
C ASN B 478 -23.55 24.93 -9.30
N ALA B 479 -24.13 26.13 -9.18
CA ALA B 479 -24.34 26.79 -7.89
C ALA B 479 -25.19 25.93 -6.95
N ASP B 480 -26.21 25.31 -7.53
CA ASP B 480 -27.12 24.46 -6.81
C ASP B 480 -26.47 23.13 -6.49
N GLN B 481 -25.62 22.56 -7.37
CA GLN B 481 -24.89 21.32 -7.01
C GLN B 481 -23.92 21.51 -5.84
N GLN B 482 -23.31 22.71 -5.78
CA GLN B 482 -22.35 23.09 -4.75
C GLN B 482 -23.06 23.30 -3.44
N SER B 483 -24.24 23.88 -3.53
CA SER B 483 -25.06 24.07 -2.34
C SER B 483 -25.62 22.76 -1.74
N ARG B 484 -25.92 21.80 -2.59
CA ARG B 484 -26.29 20.48 -2.16
C ARG B 484 -25.09 19.74 -1.48
N VAL B 485 -23.85 19.92 -1.97
CA VAL B 485 -22.65 19.46 -1.28
C VAL B 485 -22.59 20.04 0.14
N SER B 486 -22.74 21.35 0.33
CA SER B 486 -22.71 21.92 1.70
C SER B 486 -23.77 21.37 2.63
N GLN B 487 -25.00 21.23 2.10
CA GLN B 487 -26.17 20.62 2.76
C GLN B 487 -25.86 19.19 3.22
N TRP B 488 -25.34 18.35 2.33
CA TRP B 488 -24.85 17.01 2.65
C TRP B 488 -23.81 17.04 3.77
N LEU B 489 -22.81 17.95 3.70
CA LEU B 489 -21.75 18.03 4.72
C LEU B 489 -22.30 18.46 6.11
N VAL B 490 -23.28 19.38 6.09
CA VAL B 490 -24.02 19.75 7.27
C VAL B 490 -24.68 18.55 7.95
N GLU B 491 -25.43 17.76 7.20
CA GLU B 491 -26.08 16.54 7.68
C GLU B 491 -25.05 15.46 8.11
N TYR B 492 -24.08 15.18 7.28
CA TYR B 492 -23.11 14.15 7.68
C TYR B 492 -22.30 14.57 8.94
N THR B 493 -21.94 15.86 9.08
CA THR B 493 -21.07 16.33 10.21
C THR B 493 -21.81 16.86 11.44
N GLN B 494 -22.56 17.95 11.32
CA GLN B 494 -23.18 18.60 12.52
C GLN B 494 -24.29 17.72 13.09
N GLN B 495 -24.61 16.67 12.34
CA GLN B 495 -25.68 15.73 12.64
C GLN B 495 -25.01 14.37 12.50
C1 BOG C . 30.94 -36.52 14.12
O1 BOG C . 31.50 -36.39 12.82
C2 BOG C . 31.42 -37.82 14.76
O2 BOG C . 30.94 -38.93 14.00
C3 BOG C . 30.91 -37.95 16.19
O3 BOG C . 31.56 -39.05 16.83
C4 BOG C . 31.19 -36.67 16.98
O4 BOG C . 30.52 -36.74 18.24
C5 BOG C . 30.73 -35.44 16.21
O5 BOG C . 31.35 -35.41 14.93
C6 BOG C . 31.08 -34.17 16.97
O6 BOG C . 32.50 -33.98 16.98
C1' BOG C . 31.35 -35.07 12.31
C2' BOG C . 32.52 -34.74 11.39
C3' BOG C . 32.04 -34.35 10.01
C4' BOG C . 32.63 -33.01 9.57
C5' BOG C . 31.55 -31.94 9.45
C6' BOG C . 32.13 -30.55 9.67
C7' BOG C . 31.80 -30.04 11.06
C8' BOG C . 30.42 -29.42 11.09
C1 BOG D . 19.75 -36.30 7.30
O1 BOG D . 19.86 -36.26 5.87
C2 BOG D . 19.53 -34.92 7.90
O2 BOG D . 20.80 -34.29 8.02
C3 BOG D . 18.84 -35.10 9.25
O3 BOG D . 19.01 -33.94 10.06
C4 BOG D . 17.38 -35.47 9.01
O4 BOG D . 16.56 -35.60 10.18
C5 BOG D . 17.41 -36.78 8.25
O5 BOG D . 18.73 -37.21 7.81
C6 BOG D . 16.42 -36.71 7.08
O6 BOG D . 17.03 -36.14 5.91
C1' BOG D . 21.15 -36.74 5.44
C2' BOG D . 21.27 -36.77 3.92
C3' BOG D . 22.70 -37.11 3.50
C4' BOG D . 22.90 -38.57 3.11
C5' BOG D . 24.34 -39.06 3.31
C6' BOG D . 24.91 -39.76 2.06
C7' BOG D . 26.42 -39.59 1.93
C8' BOG D . 26.81 -38.83 0.68
C1 BOG E . 27.71 -38.55 21.05
O1 BOG E . 27.01 -37.39 21.56
C2 BOG E . 26.89 -39.33 19.97
O2 BOG E . 26.59 -40.58 20.64
C3 BOG E . 27.53 -39.72 18.60
O3 BOG E . 26.82 -39.38 17.37
C4 BOG E . 28.95 -39.24 18.45
O4 BOG E . 29.55 -40.06 17.42
C5 BOG E . 29.55 -39.32 19.87
O5 BOG E . 29.03 -38.19 20.61
C6 BOG E . 31.05 -39.63 20.10
O6 BOG E . 31.15 -40.74 21.01
C1' BOG E . 26.32 -37.56 22.82
C2' BOG E . 27.19 -37.18 24.05
C3' BOG E . 27.27 -35.68 24.41
C4' BOG E . 28.69 -35.10 24.50
C5' BOG E . 29.65 -35.60 23.38
C6' BOG E . 30.76 -36.63 23.74
C7' BOG E . 30.44 -37.67 24.82
C8' BOG E . 31.61 -38.57 25.18
C1 BOG F . 31.66 -43.12 9.55
O1 BOG F . 31.45 -44.54 9.31
C2 BOG F . 32.67 -42.76 10.66
O2 BOG F . 32.20 -43.30 11.91
C3 BOG F . 32.82 -41.22 10.82
O3 BOG F . 33.83 -40.79 11.76
C4 BOG F . 33.03 -40.50 9.46
O4 BOG F . 33.01 -39.09 9.78
C5 BOG F . 32.00 -40.97 8.40
O5 BOG F . 31.95 -42.42 8.31
C6 BOG F . 32.20 -40.51 6.96
O6 BOG F . 31.96 -41.65 6.12
C1' BOG F . 32.02 -45.12 8.10
C2' BOG F . 30.97 -45.88 7.26
C3' BOG F . 30.61 -45.12 5.97
C4' BOG F . 29.12 -44.72 5.92
C5' BOG F . 28.26 -45.58 5.00
C6' BOG F . 27.23 -46.43 5.75
C7' BOG F . 26.01 -46.87 4.93
C8' BOG F . 26.06 -48.30 4.43
P PO4 G . -11.68 -25.68 20.44
O1 PO4 G . -10.20 -25.50 20.68
O2 PO4 G . -12.04 -27.12 20.16
O3 PO4 G . -12.17 -24.91 19.23
O4 PO4 G . -12.42 -25.17 21.66
P PO4 H . -20.37 -23.51 9.74
O1 PO4 H . -19.07 -22.75 9.54
O2 PO4 H . -20.39 -24.11 11.15
O3 PO4 H . -20.59 -24.56 8.64
O4 PO4 H . -21.61 -22.62 9.65
P PO4 I . 20.16 -42.52 21.64
O1 PO4 I . 21.53 -42.57 22.31
O2 PO4 I . 19.28 -43.62 22.20
O3 PO4 I . 20.31 -42.70 20.13
O4 PO4 I . 19.55 -41.17 21.95
P PO4 J . 0.30 2.33 9.13
O1 PO4 J . -0.05 3.67 8.52
O2 PO4 J . 1.75 2.04 8.80
O3 PO4 J . -0.65 1.29 8.56
O4 PO4 J . 0.13 2.30 10.62
P PO4 K . -11.27 -39.05 -3.84
O1 PO4 K . -10.68 -37.78 -3.28
O2 PO4 K . -10.27 -40.14 -3.49
O3 PO4 K . -11.43 -38.85 -5.33
O4 PO4 K . -12.69 -39.32 -3.34
PA FAD L . -6.30 -28.35 -2.30
O1A FAD L . -6.25 -28.41 -0.79
O2A FAD L . -6.44 -26.92 -2.78
O5B FAD L . -7.51 -29.26 -2.84
C5B FAD L . -8.29 -28.83 -3.93
C4B FAD L . -9.26 -27.74 -3.47
O4B FAD L . -10.07 -27.34 -4.56
C3B FAD L . -10.18 -28.26 -2.36
O3B FAD L . -10.02 -27.47 -1.22
C2B FAD L . -11.59 -28.12 -2.90
O2B FAD L . -12.80 -27.77 -2.39
C1B FAD L . -11.45 -27.52 -4.29
N9A FAD L . -12.03 -28.45 -5.28
C8A FAD L . -11.75 -29.79 -5.39
N7A FAD L . -12.48 -30.29 -6.42
C5A FAD L . -13.20 -29.30 -6.97
C6A FAD L . -14.10 -29.27 -8.03
N6A FAD L . -14.48 -30.40 -8.60
N1A FAD L . -14.70 -28.08 -8.37
C2A FAD L . -14.42 -26.93 -7.67
N3A FAD L . -13.53 -26.96 -6.61
C4A FAD L . -12.93 -28.13 -6.26
N1 FAD L . 3.35 -28.21 2.68
C2 FAD L . 4.34 -27.31 3.04
O2 FAD L . 4.86 -26.59 2.19
N3 FAD L . 4.76 -27.23 4.36
C4 FAD L . 4.18 -28.05 5.31
O4 FAD L . 4.53 -27.96 6.49
C4X FAD L . 3.19 -28.94 4.95
N5 FAD L . 2.61 -29.76 5.90
C5X FAD L . 1.63 -30.66 5.53
C6 FAD L . 1.03 -31.48 6.49
C7 FAD L . 0.05 -32.38 6.12
C7M FAD L . -0.53 -33.32 7.14
C8 FAD L . -0.36 -32.46 4.79
C8M FAD L . -1.49 -33.37 4.40
C9 FAD L . 0.22 -31.63 3.83
C9A FAD L . 1.21 -30.73 4.21
N10 FAD L . 1.79 -29.92 3.25
C10 FAD L . 2.78 -29.03 3.62
C1' FAD L . 1.46 -30.11 1.81
C2' FAD L . 0.41 -29.10 1.38
O2' FAD L . -0.49 -28.88 2.45
C3' FAD L . -0.36 -29.58 0.16
O3' FAD L . 0.54 -30.08 -0.80
C4' FAD L . -1.18 -28.45 -0.46
O4' FAD L . -1.90 -27.79 0.55
C5' FAD L . -2.15 -28.99 -1.51
O5' FAD L . -2.87 -27.93 -2.07
P FAD L . -3.74 -28.15 -3.40
O1P FAD L . -4.25 -26.81 -3.91
O2P FAD L . -2.95 -28.86 -4.47
O3P FAD L . -4.99 -29.05 -2.91
N1 IMD M . 4.09 -12.56 11.61
C2 IMD M . 4.79 -12.67 12.79
N3 IMD M . 4.13 -13.54 13.60
C4 IMD M . 3.02 -13.95 12.93
C5 IMD M . 2.98 -13.37 11.66
C1 EDO N . -16.00 -31.05 -3.83
O1 EDO N . -14.85 -31.88 -3.83
C2 EDO N . -16.19 -30.64 -2.37
O2 EDO N . -14.91 -30.35 -1.80
N1 IMD O . -5.72 -12.20 19.73
C2 IMD O . -6.11 -11.29 20.66
N3 IMD O . -7.19 -10.61 20.17
C4 IMD O . -7.51 -11.09 18.95
C5 IMD O . -6.58 -12.10 18.67
C1 EDO P . -9.85 -25.44 8.83
O1 EDO P . -10.04 -25.86 7.44
C2 EDO P . -8.96 -26.34 9.77
O2 EDO P . -7.52 -26.10 9.71
C1 EDO Q . -12.85 -27.37 13.42
O1 EDO Q . -12.53 -28.10 14.65
C2 EDO Q . -11.75 -27.43 12.37
O2 EDO Q . -12.26 -27.06 11.09
C1 EDO R . 8.23 -45.64 23.68
O1 EDO R . 7.35 -46.58 23.09
C2 EDO R . 7.83 -45.57 25.14
O2 EDO R . 8.53 -46.61 25.81
C1 EDO S . 1.46 -43.51 11.87
O1 EDO S . 0.34 -43.20 12.76
C2 EDO S . 2.25 -42.27 11.44
O2 EDO S . 3.39 -42.59 10.68
C1 EDO T . 2.34 -6.94 -8.36
O1 EDO T . 3.78 -6.93 -8.61
C2 EDO T . 1.83 -6.44 -6.99
O2 EDO T . 2.85 -6.39 -5.97
S1 T3A U . -10.25 -7.88 -2.62
O1 T3A U . -10.58 -7.06 -1.46
O2 T3A U . -10.56 -7.02 -3.80
O3 T3A U . -8.83 -8.23 -2.62
C1 T3A U . -11.24 -9.22 -2.72
C2 T3A U . -12.68 -8.72 -2.69
C3 T3A U . -13.63 -9.90 -2.66
N1 T3A U . -14.96 -9.47 -2.36
C4 T3A U . -16.06 -10.44 -2.30
C5 T3A U . -17.26 -9.70 -1.62
O5 T3A U . -18.58 -10.14 -1.95
C6 T3A U . -15.47 -11.61 -1.50
O6 T3A U . -15.33 -11.22 -0.15
C7 T3A U . -16.57 -11.05 -3.63
O7 T3A U . -16.19 -10.32 -4.82
C1 EDO V . -6.61 -6.66 -1.91
O1 EDO V . -6.41 -6.90 -3.33
C2 EDO V . -5.88 -5.39 -1.44
O2 EDO V . -4.67 -5.12 -2.21
C1 2PG W . 6.36 -34.94 8.95
C2 2PG W . 6.20 -35.97 7.75
C3 2PG W . 7.35 -37.05 7.72
P 2PG W . 5.75 -34.45 5.13
O1 2PG W . 5.98 -35.25 10.22
O2 2PG W . 6.85 -33.84 8.55
O3 2PG W . 8.32 -37.30 8.87
O1P 2PG W . 5.57 -35.47 6.42
O2P 2PG W . 4.76 -34.60 3.99
O3P 2PG W . 7.13 -34.56 4.60
O4P 2PG W . 5.31 -33.01 5.52
C1 BOG X . 24.54 31.41 -30.92
O1 BOG X . 24.56 30.68 -29.70
C2 BOG X . 23.11 31.43 -31.47
O2 BOG X . 22.71 30.09 -31.78
C3 BOG X . 23.03 32.29 -32.74
O3 BOG X . 21.65 32.47 -33.10
C4 BOG X . 23.68 33.65 -32.51
O4 BOG X . 23.79 34.34 -33.77
C5 BOG X . 25.06 33.50 -31.90
O5 BOG X . 24.97 32.75 -30.69
C6 BOG X . 25.68 34.86 -31.61
O6 BOG X . 26.61 34.74 -30.53
C1' BOG X . 25.88 30.57 -29.18
C2' BOG X . 26.16 29.12 -28.80
C3' BOG X . 25.95 28.90 -27.31
C4' BOG X . 26.86 27.79 -26.79
C5' BOG X . 26.05 26.62 -26.25
C6' BOG X . 25.72 25.63 -27.36
C7' BOG X . 24.32 25.07 -27.19
C8' BOG X . 23.96 24.14 -28.33
C1 BOG Y . 18.28 32.57 -18.02
O1 BOG Y . 19.59 33.15 -18.12
C2 BOG Y . 17.22 33.56 -17.46
O2 BOG Y . 17.22 33.49 -16.03
C3 BOG Y . 15.76 33.37 -17.91
O3 BOG Y . 15.02 34.58 -17.88
C4 BOG Y . 15.57 32.80 -19.30
O4 BOG Y . 14.18 32.47 -19.38
C5 BOG Y . 16.55 31.63 -19.32
O5 BOG Y . 17.88 32.14 -19.31
C6 BOG Y . 16.40 30.66 -20.48
O6 BOG Y . 17.29 29.56 -20.20
C1' BOG Y . 20.65 32.43 -17.48
C2' BOG Y . 21.69 33.39 -16.89
C3' BOG Y . 23.03 33.41 -17.65
C4' BOG Y . 23.68 34.81 -17.69
C5' BOG Y . 25.06 34.79 -18.37
C6' BOG Y . 25.91 36.05 -18.11
C7' BOG Y . 27.40 35.88 -18.56
C8' BOG Y . 28.05 37.24 -18.85
P PO4 Z . -5.21 -2.16 -7.81
O1 PO4 Z . -4.15 -2.62 -8.80
O2 PO4 Z . -4.89 -2.71 -6.43
O3 PO4 Z . -6.55 -2.65 -8.26
O4 PO4 Z . -5.26 -0.65 -7.80
P PO4 AA . -0.29 40.20 7.39
O1 PO4 AA . -0.10 41.46 6.55
O2 PO4 AA . 0.94 40.03 8.28
O3 PO4 AA . -0.33 39.05 6.43
O4 PO4 AA . -1.55 40.22 8.25
P PO4 BA . -18.05 27.11 2.00
O1 PO4 BA . -17.04 27.92 2.87
O2 PO4 BA . -17.34 25.93 1.37
O3 PO4 BA . -18.75 27.90 0.88
O4 PO4 BA . -19.16 26.68 2.98
P PO4 CA . 11.36 39.55 -31.28
O1 PO4 CA . 12.43 39.77 -30.21
O2 PO4 CA . 11.96 38.70 -32.38
O3 PO4 CA . 10.86 40.84 -31.89
O4 PO4 CA . 10.17 38.77 -30.70
PA FAD DA . 0.75 29.02 3.44
O1A FAD DA . 0.28 27.98 2.46
O2A FAD DA . 0.18 30.37 3.20
O5B FAD DA . 0.36 28.31 4.77
C5B FAD DA . 0.23 29.13 5.89
C4B FAD DA . -0.89 28.55 6.72
O4B FAD DA . -0.76 29.11 7.99
C3B FAD DA . -2.32 28.91 6.15
O3B FAD DA . -3.02 27.70 5.68
C2B FAD DA . -2.97 29.67 7.28
O2B FAD DA . -4.38 29.47 7.48
C1B FAD DA . -2.09 29.22 8.47
N9A FAD DA . -2.09 30.06 9.67
C8A FAD DA . -1.83 31.42 9.71
N7A FAD DA . -1.94 31.85 10.96
C5A FAD DA . -2.37 30.82 11.74
C6A FAD DA . -2.63 30.62 13.11
N6A FAD DA . -2.81 31.61 13.98
N1A FAD DA . -3.00 29.39 13.56
C2A FAD DA . -3.13 28.33 12.78
N3A FAD DA . -2.86 28.50 11.46
C4A FAD DA . -2.47 29.68 10.93
N1 FAD DA . 5.84 27.38 -5.45
C2 FAD DA . 6.33 26.38 -6.30
O2 FAD DA . 7.08 25.44 -5.99
N3 FAD DA . 5.96 26.37 -7.59
C4 FAD DA . 5.18 27.33 -8.20
O4 FAD DA . 4.51 26.79 -9.15
C4X FAD DA . 4.72 28.38 -7.34
N5 FAD DA . 3.93 29.41 -7.83
C5X FAD DA . 3.38 30.39 -7.00
C6 FAD DA . 2.62 31.39 -7.60
C7 FAD DA . 2.05 32.33 -6.85
C7M FAD DA . 1.31 33.41 -7.47
C8 FAD DA . 2.27 32.30 -5.47
C8M FAD DA . 1.42 33.14 -4.55
C9 FAD DA . 3.09 31.32 -4.89
C9A FAD DA . 3.68 30.39 -5.64
N10 FAD DA . 4.51 29.37 -5.11
C10 FAD DA . 5.03 28.38 -5.98
C1' FAD DA . 5.16 29.40 -3.76
C2' FAD DA . 4.37 28.48 -2.83
O2' FAD DA . 3.04 28.55 -3.18
C3' FAD DA . 4.54 29.05 -1.43
O3' FAD DA . 5.94 29.35 -1.27
C4' FAD DA . 4.11 28.14 -0.30
O4' FAD DA . 2.86 27.64 -0.63
C5' FAD DA . 4.06 28.87 1.05
O5' FAD DA . 3.62 27.84 1.89
P FAD DA . 3.52 28.06 3.47
O1P FAD DA . 4.78 28.65 3.93
O2P FAD DA . 3.14 26.80 4.17
O3P FAD DA . 2.36 29.21 3.50
C1 EDO EA . 4.02 41.81 -12.81
O1 EDO EA . 2.61 41.86 -12.82
C2 EDO EA . 4.31 43.20 -12.23
O2 EDO EA . 5.72 43.44 -12.04
C1 EDO FA . -6.39 33.01 11.23
O1 EDO FA . -7.69 32.67 10.66
C2 EDO FA . -5.26 33.25 10.21
O2 EDO FA . -5.90 33.21 8.94
C1 EDO GA . -12.28 29.86 -5.42
O1 EDO GA . -13.46 30.31 -6.13
C2 EDO GA . -12.73 29.11 -4.18
O2 EDO GA . -11.72 29.14 -3.14
C1 EDO HA . -8.55 27.85 -4.72
O1 EDO HA . -7.20 27.64 -5.26
C2 EDO HA . -8.84 27.05 -3.43
O2 EDO HA . -8.11 27.41 -2.22
C1 EDO IA . -15.56 12.86 -13.74
O1 EDO IA . -14.51 12.98 -14.71
C2 EDO IA . -14.98 12.58 -12.35
O2 EDO IA . -14.05 13.61 -11.99
C1 EDO JA . 6.27 5.69 4.14
O1 EDO JA . 6.33 5.50 5.60
C2 EDO JA . 7.63 5.53 3.41
O2 EDO JA . 8.82 5.55 4.30
C1 EDO KA . -15.94 33.11 -11.71
O1 EDO KA . -15.95 31.79 -11.13
C2 EDO KA . -14.50 33.65 -11.89
O2 EDO KA . -14.30 34.05 -13.27
N1 IMD LA . -25.32 11.25 5.81
C2 IMD LA . -25.67 12.54 5.50
N3 IMD LA . -26.64 12.53 4.54
C4 IMD LA . -26.91 11.25 4.25
C5 IMD LA . -26.08 10.44 5.04
S1 T3A MA . -5.69 9.30 7.47
O1 T3A MA . -6.75 8.55 6.76
O2 T3A MA . -5.29 8.44 8.63
O3 T3A MA . -4.56 9.43 6.55
C1 T3A MA . -6.26 10.76 8.00
C2 T3A MA . -7.48 10.53 8.88
C3 T3A MA . -8.08 11.87 9.25
N1 T3A MA . -9.42 11.71 9.77
C4 T3A MA . -10.20 12.86 10.23
C5 T3A MA . -11.61 12.21 10.44
O5 T3A MA . -12.60 12.87 11.23
C6 T3A MA . -9.95 13.93 9.16
O6 T3A MA . -10.61 13.54 8.01
C7 T3A MA . -9.78 13.58 11.53
O7 T3A MA . -9.42 12.64 12.56
C1 EDO NA . -2.75 6.84 4.92
O1 EDO NA . -3.98 7.53 4.63
C2 EDO NA . -1.81 7.75 5.74
O2 EDO NA . -2.03 7.88 7.17
C1 2PG OA . 5.98 33.84 -12.60
C2 2PG OA . 6.54 34.68 -11.39
C3 2PG OA . 7.60 35.76 -11.85
P 2PG OA . 7.58 33.14 -9.06
O1 2PG OA . 5.07 34.32 -13.51
O2 2PG OA . 6.51 32.69 -12.62
O3 2PG OA . 7.85 35.82 -13.35
O1P 2PG OA . 6.62 34.01 -10.02
O2P 2PG OA . 7.35 33.39 -7.55
O3P 2PG OA . 8.98 33.32 -9.46
O4P 2PG OA . 7.09 31.70 -9.11
#